data_6F3P
#
_entry.id   6F3P
#
_cell.length_a   142.900
_cell.length_b   85.740
_cell.length_c   112.010
_cell.angle_alpha   90.00
_cell.angle_beta   122.20
_cell.angle_gamma   90.00
#
_symmetry.space_group_name_H-M   'C 1 2 1'
#
loop_
_entity.id
_entity.type
_entity.pdbx_description
1 polymer Adenosylhomocysteinase
2 non-polymer NICOTINAMIDE-ADENINE-DINUCLEOTIDE
3 non-polymer "3'-DEOXYADENOSINE"
4 non-polymer 'POTASSIUM ION'
5 non-polymer 'CHLORIDE ION'
6 non-polymer 'PHOSPHATE ION'
7 water water
#
_entity_poly.entity_id   1
_entity_poly.type   'polypeptide(L)'
_entity_poly.pdbx_seq_one_letter_code
;SNAMSAVMTPAGFTDYKVADITLAAWGRRELIIAESEMPALMGLRRKYAGQQPLKGAKILGCIHMTIQTGVLIETLVALG
AEVRWSSCNIFSTQDQAAAAIAAAGIPVFAWKGETEEEYEWCIEQTILKDGQPWDANMVLDDGGDLTEILHKKYPQMLER
IHGITEETTTGVHRLLDMLKNGTLKVPAINVNDSVTKSKNDNKYGCRHSLNDAIKRGTDHLLSGKQALVIGYGDVGKGSS
QSLRQEGMIVKVAEVDPICAMQACMDGFEVVSPYKNGINDGTEASIDAALLGKIDLIVTTTGNVNVCDANMLKALKKRAV
VCNIGHFDNEIDTAFMRKNWAWEEVKPQVHKIHRTGKDGFDAHNDDYLILLAEGRLVNLGNATGHPSRIMDGSFANQVLA
QIHLFEQKYADLPAAEKAKRLSVEVLPKKLDEEVALEMVKGFGGVVTQLTPKQAEYIGVSVEGPFKPDTYRY
;
_entity_poly.pdbx_strand_id   A,C
#
# COMPACT_ATOMS: atom_id res chain seq x y z
N PHE A 13 -29.34 19.33 12.83
CA PHE A 13 -28.01 19.89 12.34
C PHE A 13 -27.83 19.74 10.83
N THR A 14 -27.63 20.87 10.16
CA THR A 14 -27.50 20.94 8.69
C THR A 14 -26.34 21.80 8.21
N ASP A 15 -25.51 22.30 9.14
CA ASP A 15 -24.43 23.25 8.80
C ASP A 15 -23.16 22.55 8.40
N TYR A 16 -23.24 21.87 7.27
CA TYR A 16 -22.14 21.03 6.76
C TYR A 16 -22.42 20.69 5.32
N LYS A 17 -21.40 20.21 4.62
CA LYS A 17 -21.60 19.62 3.31
C LYS A 17 -20.52 18.56 3.11
N VAL A 18 -20.96 17.30 3.02
CA VAL A 18 -20.08 16.15 2.81
C VAL A 18 -20.64 15.27 1.71
N ALA A 19 -19.86 14.32 1.24
CA ALA A 19 -20.30 13.43 0.15
C ALA A 19 -21.46 12.53 0.53
N ASP A 20 -21.34 11.93 1.73
CA ASP A 20 -22.29 10.88 2.13
C ASP A 20 -22.29 10.70 3.65
N ILE A 21 -23.31 11.26 4.31
CA ILE A 21 -23.36 11.24 5.76
C ILE A 21 -23.50 9.81 6.31
N THR A 22 -23.93 8.86 5.47
CA THR A 22 -24.11 7.49 5.92
C THR A 22 -22.78 6.76 6.16
N LEU A 23 -21.69 7.38 5.73
CA LEU A 23 -20.35 6.85 5.97
C LEU A 23 -19.85 7.14 7.43
N ALA A 24 -20.67 7.85 8.20
CA ALA A 24 -20.22 8.34 9.52
C ALA A 24 -19.81 7.21 10.46
N ALA A 25 -20.60 6.14 10.52
CA ALA A 25 -20.26 5.06 11.46
C ALA A 25 -18.91 4.40 11.18
N TRP A 26 -18.66 4.18 9.88
CA TRP A 26 -17.35 3.69 9.45
C TRP A 26 -16.24 4.69 9.86
N GLY A 27 -16.47 5.97 9.61
CA GLY A 27 -15.50 6.97 10.05
C GLY A 27 -15.25 6.96 11.54
N ARG A 28 -16.32 6.83 12.31
CA ARG A 28 -16.18 6.82 13.76
C ARG A 28 -15.36 5.59 14.23
N ARG A 29 -15.60 4.42 13.58
CA ARG A 29 -14.76 3.26 13.95
C ARG A 29 -13.29 3.52 13.65
N GLU A 30 -13.02 4.20 12.53
CA GLU A 30 -11.62 4.52 12.20
C GLU A 30 -11.04 5.60 13.11
N LEU A 31 -11.85 6.56 13.57
CA LEU A 31 -11.39 7.56 14.57
C LEU A 31 -11.02 6.87 15.88
N ILE A 32 -11.84 5.91 16.30
CA ILE A 32 -11.53 5.21 17.57
C ILE A 32 -10.20 4.45 17.45
N ILE A 33 -9.97 3.78 16.31
CA ILE A 33 -8.66 3.15 16.09
C ILE A 33 -7.54 4.19 16.05
N ALA A 34 -7.77 5.30 15.38
CA ALA A 34 -6.72 6.33 15.27
C ALA A 34 -6.36 6.91 16.63
N GLU A 35 -7.37 7.08 17.51
CA GLU A 35 -7.06 7.59 18.85
C GLU A 35 -6.05 6.70 19.56
N SER A 36 -6.16 5.37 19.35
CA SER A 36 -5.20 4.43 19.95
C SER A 36 -3.79 4.49 19.37
N GLU A 37 -3.67 5.13 18.18
CA GLU A 37 -2.40 5.32 17.49
C GLU A 37 -1.83 6.74 17.68
N MET A 38 -2.48 7.58 18.49
CA MET A 38 -2.09 8.99 18.62
C MET A 38 -1.93 9.40 20.07
N PRO A 39 -0.93 8.81 20.74
CA PRO A 39 -0.79 9.07 22.18
C PRO A 39 -0.43 10.48 22.57
N ALA A 40 0.32 11.20 21.74
CA ALA A 40 0.64 12.58 22.09
C ALA A 40 -0.61 13.44 22.10
N LEU A 41 -1.39 13.29 21.04
CA LEU A 41 -2.58 14.09 20.90
C LEU A 41 -3.62 13.69 21.97
N MET A 42 -3.83 12.38 22.19
N MET A 42 -3.82 12.40 22.20
CA MET A 42 -4.73 11.89 23.25
CA MET A 42 -4.75 11.99 23.21
C MET A 42 -4.26 12.33 24.64
C MET A 42 -4.26 12.32 24.64
N GLY A 43 -2.94 12.35 24.83
CA GLY A 43 -2.39 12.82 26.08
C GLY A 43 -2.70 14.28 26.38
N LEU A 44 -2.68 15.08 25.34
CA LEU A 44 -3.10 16.49 25.47
C LEU A 44 -4.58 16.61 25.82
N ARG A 45 -5.41 15.78 25.19
CA ARG A 45 -6.82 15.77 25.57
C ARG A 45 -7.01 15.52 27.03
N ARG A 46 -6.31 14.51 27.55
CA ARG A 46 -6.45 14.10 28.94
C ARG A 46 -5.94 15.21 29.90
N LYS A 47 -4.76 15.73 29.52
CA LYS A 47 -4.07 16.72 30.35
C LYS A 47 -4.87 18.01 30.49
N TYR A 48 -5.42 18.50 29.39
CA TYR A 48 -6.00 19.85 29.33
C TYR A 48 -7.53 19.88 29.41
N ALA A 49 -8.19 18.72 29.46
CA ALA A 49 -9.65 18.72 29.38
C ALA A 49 -10.26 19.44 30.59
N GLY A 50 -9.68 19.27 31.77
CA GLY A 50 -10.19 20.01 32.96
C GLY A 50 -10.16 21.53 32.85
N GLN A 51 -8.99 21.94 32.34
CA GLN A 51 -8.69 23.37 32.26
C GLN A 51 -9.43 24.11 31.14
N GLN A 52 -9.81 23.41 30.08
CA GLN A 52 -10.51 24.06 28.93
C GLN A 52 -9.76 25.27 28.41
N PRO A 53 -8.49 25.08 28.02
CA PRO A 53 -7.67 26.23 27.59
C PRO A 53 -8.16 26.91 26.33
N LEU A 54 -8.98 26.19 25.52
CA LEU A 54 -9.55 26.75 24.30
C LEU A 54 -11.02 27.17 24.43
N LYS A 55 -11.51 27.30 25.66
CA LYS A 55 -12.85 27.88 25.86
C LYS A 55 -12.93 29.28 25.31
N GLY A 56 -13.88 29.49 24.39
CA GLY A 56 -14.04 30.75 23.68
C GLY A 56 -13.31 30.86 22.38
N ALA A 57 -12.43 29.87 22.07
CA ALA A 57 -11.77 29.89 20.79
C ALA A 57 -12.76 29.52 19.71
N LYS A 58 -12.64 30.21 18.55
CA LYS A 58 -13.47 29.98 17.39
C LYS A 58 -12.53 29.88 16.22
N ILE A 59 -12.28 28.62 15.83
CA ILE A 59 -11.16 28.30 14.94
C ILE A 59 -11.65 28.02 13.54
N LEU A 60 -11.16 28.77 12.57
CA LEU A 60 -11.30 28.44 11.17
C LEU A 60 -10.15 27.49 10.84
N GLY A 61 -10.49 26.27 10.37
CA GLY A 61 -9.47 25.26 10.05
C GLY A 61 -9.54 24.91 8.61
N CYS A 62 -8.38 24.84 7.96
CA CYS A 62 -8.30 24.40 6.56
C CYS A 62 -7.10 23.45 6.43
N ILE A 63 -7.41 22.16 6.50
CA ILE A 63 -6.42 21.10 6.40
C ILE A 63 -7.16 19.83 6.02
N HIS A 64 -6.51 19.06 5.16
CA HIS A 64 -6.95 17.75 4.65
C HIS A 64 -7.90 17.06 5.59
N MET A 65 -9.12 16.79 5.12
CA MET A 65 -10.14 16.25 6.03
C MET A 65 -10.04 14.70 6.08
N THR A 66 -8.97 14.26 6.75
CA THR A 66 -8.67 12.85 6.94
C THR A 66 -9.10 12.39 8.34
N ILE A 67 -8.97 11.08 8.57
CA ILE A 67 -9.18 10.54 9.93
C ILE A 67 -8.26 11.23 10.95
N GLN A 68 -7.01 11.47 10.53
CA GLN A 68 -6.05 12.09 11.43
C GLN A 68 -6.48 13.51 11.84
N THR A 69 -6.95 14.26 10.83
CA THR A 69 -7.47 15.59 11.11
C THR A 69 -8.72 15.51 11.98
N GLY A 70 -9.55 14.47 11.83
CA GLY A 70 -10.69 14.31 12.73
C GLY A 70 -10.28 14.21 14.18
N VAL A 71 -9.20 13.47 14.47
CA VAL A 71 -8.70 13.37 15.85
C VAL A 71 -8.21 14.75 16.34
N LEU A 72 -7.53 15.51 15.47
CA LEU A 72 -7.15 16.89 15.78
C LEU A 72 -8.37 17.76 16.12
N ILE A 73 -9.36 17.74 15.23
CA ILE A 73 -10.54 18.58 15.41
C ILE A 73 -11.18 18.23 16.76
N GLU A 74 -11.39 16.95 17.04
CA GLU A 74 -12.07 16.56 18.25
C GLU A 74 -11.24 16.84 19.50
N THR A 75 -9.91 16.90 19.37
CA THR A 75 -9.10 17.35 20.49
C THR A 75 -9.32 18.86 20.77
N LEU A 76 -9.31 19.65 19.73
CA LEU A 76 -9.57 21.09 19.87
C LEU A 76 -10.91 21.35 20.52
N VAL A 77 -11.94 20.63 20.05
CA VAL A 77 -13.28 20.74 20.63
C VAL A 77 -13.30 20.28 22.07
N ALA A 78 -12.61 19.19 22.37
CA ALA A 78 -12.55 18.66 23.75
C ALA A 78 -11.90 19.64 24.73
N LEU A 79 -11.04 20.51 24.19
CA LEU A 79 -10.36 21.54 24.97
C LEU A 79 -11.14 22.85 25.06
N GLY A 80 -12.30 22.91 24.41
CA GLY A 80 -13.20 24.04 24.51
C GLY A 80 -13.53 24.79 23.26
N ALA A 81 -12.81 24.51 22.18
CA ALA A 81 -12.99 25.28 20.94
C ALA A 81 -14.29 24.94 20.23
N GLU A 82 -14.75 25.91 19.42
CA GLU A 82 -15.69 25.67 18.34
C GLU A 82 -14.88 25.85 17.06
N VAL A 83 -15.22 25.08 16.01
CA VAL A 83 -14.51 25.14 14.76
C VAL A 83 -15.46 25.19 13.58
N ARG A 84 -14.94 25.66 12.43
CA ARG A 84 -15.58 25.49 11.13
C ARG A 84 -14.49 25.05 10.19
N TRP A 85 -14.71 23.91 9.50
CA TRP A 85 -13.59 23.23 8.81
C TRP A 85 -13.79 23.04 7.31
N SER A 86 -12.68 23.10 6.57
CA SER A 86 -12.62 22.66 5.18
C SER A 86 -11.30 21.92 4.94
N SER A 87 -11.23 21.23 3.82
CA SER A 87 -9.97 20.62 3.36
C SER A 87 -9.10 21.66 2.63
N CYS A 88 -7.79 21.44 2.65
CA CYS A 88 -6.87 22.28 1.87
C CYS A 88 -6.43 21.64 0.53
N ASN A 89 -7.10 20.58 0.11
CA ASN A 89 -6.82 20.01 -1.22
C ASN A 89 -8.10 19.34 -1.72
N ILE A 90 -8.30 19.42 -3.01
CA ILE A 90 -9.49 18.84 -3.66
C ILE A 90 -9.62 17.32 -3.61
N PHE A 91 -8.51 16.61 -3.39
CA PHE A 91 -8.52 15.13 -3.41
C PHE A 91 -8.14 14.50 -2.12
N SER A 92 -7.90 15.27 -1.05
CA SER A 92 -7.32 14.69 0.17
C SER A 92 -8.32 14.25 1.21
N THR A 93 -9.56 14.68 1.14
CA THR A 93 -10.58 14.29 2.10
C THR A 93 -10.81 12.80 2.06
N GLN A 94 -10.97 12.20 3.25
CA GLN A 94 -11.53 10.86 3.39
C GLN A 94 -12.99 11.03 3.75
N ASP A 95 -13.87 10.65 2.84
CA ASP A 95 -15.28 10.95 3.00
C ASP A 95 -15.88 10.38 4.31
N GLN A 96 -15.37 9.25 4.78
CA GLN A 96 -15.88 8.70 6.07
C GLN A 96 -15.47 9.58 7.25
N ALA A 97 -14.27 10.21 7.14
CA ALA A 97 -13.85 11.15 8.19
C ALA A 97 -14.71 12.41 8.22
N ALA A 98 -14.95 12.99 7.04
CA ALA A 98 -15.82 14.15 6.96
C ALA A 98 -17.21 13.84 7.50
N ALA A 99 -17.73 12.65 7.15
CA ALA A 99 -19.06 12.27 7.61
C ALA A 99 -19.12 12.14 9.12
N ALA A 100 -18.09 11.50 9.68
CA ALA A 100 -18.09 11.33 11.14
C ALA A 100 -18.08 12.67 11.91
N ILE A 101 -17.30 13.60 11.38
CA ILE A 101 -17.23 14.94 11.98
C ILE A 101 -18.58 15.69 11.85
N ALA A 102 -19.16 15.68 10.66
CA ALA A 102 -20.49 16.28 10.47
C ALA A 102 -21.56 15.64 11.35
N ALA A 103 -21.50 14.32 11.52
CA ALA A 103 -22.49 13.59 12.35
C ALA A 103 -22.34 13.94 13.83
N ALA A 104 -21.15 14.41 14.22
CA ALA A 104 -20.88 14.89 15.57
C ALA A 104 -21.35 16.32 15.82
N GLY A 105 -21.94 16.94 14.81
CA GLY A 105 -22.45 18.30 14.96
C GLY A 105 -21.39 19.37 14.76
N ILE A 106 -20.32 19.03 14.03
CA ILE A 106 -19.25 20.00 13.74
C ILE A 106 -19.36 20.48 12.29
N PRO A 107 -19.36 21.81 12.04
CA PRO A 107 -19.39 22.29 10.65
C PRO A 107 -18.17 21.94 9.84
N VAL A 108 -18.38 21.14 8.81
CA VAL A 108 -17.31 20.72 7.89
C VAL A 108 -17.86 20.75 6.48
N PHE A 109 -17.03 21.23 5.57
CA PHE A 109 -17.41 21.38 4.14
C PHE A 109 -16.24 20.78 3.36
N ALA A 110 -16.37 19.49 3.01
CA ALA A 110 -15.23 18.75 2.40
C ALA A 110 -15.70 17.45 1.81
N TRP A 111 -15.22 17.16 0.61
CA TRP A 111 -15.38 15.84 0.03
C TRP A 111 -14.23 15.56 -0.92
N LYS A 112 -14.01 14.27 -1.17
CA LYS A 112 -12.96 13.87 -2.10
C LYS A 112 -13.43 14.14 -3.53
N GLY A 113 -12.58 14.78 -4.32
CA GLY A 113 -12.96 15.06 -5.71
C GLY A 113 -13.71 16.36 -5.92
N GLU A 114 -13.43 17.37 -5.12
CA GLU A 114 -13.95 18.72 -5.35
C GLU A 114 -13.42 19.29 -6.67
N THR A 115 -14.25 20.14 -7.28
CA THR A 115 -13.75 21.06 -8.29
C THR A 115 -13.07 22.25 -7.62
N GLU A 116 -12.30 23.03 -8.41
CA GLU A 116 -11.70 24.27 -7.84
C GLU A 116 -12.78 25.22 -7.32
N GLU A 117 -13.90 25.35 -8.04
CA GLU A 117 -14.97 26.22 -7.58
C GLU A 117 -15.54 25.72 -6.25
N GLU A 118 -15.76 24.41 -6.15
CA GLU A 118 -16.26 23.84 -4.90
C GLU A 118 -15.26 24.03 -3.75
N TYR A 119 -13.96 23.89 -4.05
CA TYR A 119 -12.92 24.11 -3.04
C TYR A 119 -13.03 25.50 -2.40
N GLU A 120 -13.16 26.50 -3.26
CA GLU A 120 -13.29 27.89 -2.79
C GLU A 120 -14.59 28.11 -2.03
N TRP A 121 -15.68 27.47 -2.52
CA TRP A 121 -16.97 27.57 -1.85
C TRP A 121 -16.89 26.99 -0.42
N CYS A 122 -16.19 25.87 -0.27
CA CYS A 122 -16.04 25.23 1.04
C CYS A 122 -15.31 26.14 2.01
N ILE A 123 -14.18 26.74 1.59
CA ILE A 123 -13.49 27.68 2.47
C ILE A 123 -14.43 28.84 2.84
N GLU A 124 -15.16 29.37 1.86
CA GLU A 124 -16.12 30.45 2.15
C GLU A 124 -17.20 30.01 3.15
N GLN A 125 -17.62 28.74 3.14
CA GLN A 125 -18.63 28.30 4.11
C GLN A 125 -18.08 28.25 5.52
N THR A 126 -16.74 28.11 5.67
CA THR A 126 -16.16 28.20 7.01
C THR A 126 -16.16 29.66 7.52
N ILE A 127 -15.79 30.57 6.62
CA ILE A 127 -15.66 32.00 6.92
C ILE A 127 -17.00 32.65 7.21
N LEU A 128 -18.03 32.26 6.44
CA LEU A 128 -19.37 32.82 6.60
C LEU A 128 -20.28 31.87 7.34
N LYS A 129 -20.99 32.39 8.32
CA LYS A 129 -22.05 31.63 8.97
C LYS A 129 -23.32 32.41 8.78
N ASP A 130 -24.35 31.76 8.24
CA ASP A 130 -25.63 32.45 7.96
C ASP A 130 -25.45 33.72 7.11
N GLY A 131 -24.54 33.66 6.15
CA GLY A 131 -24.33 34.73 5.19
C GLY A 131 -23.50 35.92 5.67
N GLN A 132 -22.95 35.86 6.88
CA GLN A 132 -22.16 36.95 7.44
C GLN A 132 -20.89 36.37 8.02
N PRO A 133 -19.83 37.19 8.12
CA PRO A 133 -18.60 36.64 8.70
C PRO A 133 -18.85 36.03 10.08
N TRP A 134 -18.32 34.83 10.28
CA TRP A 134 -18.35 34.17 11.57
C TRP A 134 -17.42 34.99 12.50
N ASP A 135 -17.69 34.92 13.80
CA ASP A 135 -16.83 35.64 14.77
C ASP A 135 -15.61 34.77 15.14
N ALA A 136 -14.86 34.44 14.11
CA ALA A 136 -13.63 33.64 14.24
C ALA A 136 -12.61 34.42 15.06
N ASN A 137 -11.82 33.72 15.85
CA ASN A 137 -10.68 34.37 16.51
C ASN A 137 -9.37 33.61 16.46
N MET A 138 -9.32 32.52 15.70
CA MET A 138 -8.11 31.69 15.51
C MET A 138 -8.16 31.05 14.14
N VAL A 139 -6.98 30.81 13.56
CA VAL A 139 -6.86 30.17 12.25
C VAL A 139 -5.86 29.02 12.36
N LEU A 140 -6.24 27.86 11.82
CA LEU A 140 -5.33 26.70 11.64
C LEU A 140 -5.31 26.46 10.14
N ASP A 141 -4.13 26.52 9.53
CA ASP A 141 -3.98 26.47 8.07
C ASP A 141 -2.90 25.49 7.65
N ASP A 142 -3.05 24.99 6.44
CA ASP A 142 -2.14 24.06 5.81
C ASP A 142 -2.02 24.50 4.33
N GLY A 143 -0.95 25.25 4.06
CA GLY A 143 -0.58 25.71 2.73
C GLY A 143 -0.82 27.19 2.45
N GLY A 144 -1.58 27.87 3.31
CA GLY A 144 -1.76 29.28 3.22
C GLY A 144 -2.96 29.81 2.42
N ASP A 145 -3.81 28.94 1.86
CA ASP A 145 -4.91 29.44 1.04
C ASP A 145 -5.95 30.21 1.90
N LEU A 146 -6.32 29.70 3.05
CA LEU A 146 -7.27 30.35 3.93
C LEU A 146 -6.67 31.67 4.39
N THR A 147 -5.41 31.64 4.80
CA THR A 147 -4.70 32.85 5.26
C THR A 147 -4.74 33.92 4.20
N GLU A 148 -4.49 33.54 2.94
CA GLU A 148 -4.49 34.52 1.82
C GLU A 148 -5.86 35.09 1.62
N ILE A 149 -6.90 34.26 1.63
CA ILE A 149 -8.29 34.72 1.42
C ILE A 149 -8.69 35.67 2.53
N LEU A 150 -8.31 35.36 3.76
CA LEU A 150 -8.68 36.30 4.86
C LEU A 150 -7.96 37.65 4.66
N HIS A 151 -6.68 37.64 4.32
CA HIS A 151 -5.93 38.92 4.13
C HIS A 151 -6.44 39.71 2.92
N LYS A 152 -6.78 39.04 1.83
CA LYS A 152 -7.18 39.72 0.64
C LYS A 152 -8.66 40.16 0.61
N LYS A 153 -9.53 39.29 1.10
CA LYS A 153 -10.98 39.45 0.95
C LYS A 153 -11.74 39.79 2.24
N TYR A 154 -11.20 39.42 3.38
CA TYR A 154 -11.88 39.60 4.68
C TYR A 154 -10.96 40.24 5.71
N PRO A 155 -10.33 41.38 5.35
CA PRO A 155 -9.33 41.90 6.29
C PRO A 155 -9.94 42.31 7.64
N GLN A 156 -11.21 42.76 7.66
CA GLN A 156 -11.87 43.13 8.93
C GLN A 156 -11.89 41.96 9.88
N MET A 157 -12.01 40.72 9.38
CA MET A 157 -12.02 39.56 10.27
C MET A 157 -10.72 39.40 11.05
N LEU A 158 -9.63 39.77 10.41
CA LEU A 158 -8.28 39.61 11.03
C LEU A 158 -8.10 40.53 12.24
N GLU A 159 -8.87 41.62 12.30
CA GLU A 159 -8.85 42.50 13.46
C GLU A 159 -9.24 41.78 14.75
N ARG A 160 -9.94 40.66 14.64
CA ARG A 160 -10.39 39.90 15.79
C ARG A 160 -9.70 38.52 16.00
N ILE A 161 -8.71 38.27 15.17
N ILE A 161 -8.73 38.25 15.16
CA ILE A 161 -8.01 36.98 15.16
CA ILE A 161 -8.06 36.94 15.20
C ILE A 161 -6.72 37.10 15.97
C ILE A 161 -6.72 37.08 15.95
N HIS A 162 -6.49 36.15 16.89
CA HIS A 162 -5.31 36.17 17.75
C HIS A 162 -4.08 35.54 17.11
N GLY A 163 -4.26 34.68 16.11
CA GLY A 163 -3.12 34.06 15.50
C GLY A 163 -3.48 33.00 14.48
N ILE A 164 -2.45 32.62 13.72
CA ILE A 164 -2.46 31.56 12.71
C ILE A 164 -1.44 30.49 13.12
N THR A 165 -1.85 29.23 13.10
CA THR A 165 -0.93 28.13 13.21
C THR A 165 -0.84 27.41 11.87
N GLU A 166 0.36 27.41 11.28
CA GLU A 166 0.58 26.93 9.93
C GLU A 166 1.37 25.65 9.90
N GLU A 167 0.81 24.66 9.21
CA GLU A 167 1.36 23.30 9.11
C GLU A 167 2.63 23.20 8.25
N THR A 168 2.66 23.90 7.13
CA THR A 168 3.53 23.53 6.02
C THR A 168 4.74 24.44 5.76
N THR A 169 5.78 23.85 5.18
CA THR A 169 6.92 24.71 4.86
CA THR A 169 6.97 24.48 4.68
C THR A 169 6.50 25.67 3.77
N THR A 170 5.63 25.28 2.82
CA THR A 170 5.12 26.21 1.80
C THR A 170 4.40 27.38 2.44
N GLY A 171 3.45 27.06 3.31
CA GLY A 171 2.70 28.15 3.96
C GLY A 171 3.52 29.06 4.85
N VAL A 172 4.53 28.52 5.53
CA VAL A 172 5.43 29.34 6.30
C VAL A 172 6.21 30.30 5.39
N HIS A 173 6.68 29.80 4.25
CA HIS A 173 7.38 30.72 3.28
C HIS A 173 6.44 31.89 2.93
N ARG A 174 5.17 31.59 2.69
CA ARG A 174 4.16 32.61 2.34
C ARG A 174 3.98 33.61 3.50
N LEU A 175 3.96 33.12 4.73
CA LEU A 175 3.86 34.00 5.92
C LEU A 175 5.08 34.87 6.12
N LEU A 176 6.25 34.31 5.90
CA LEU A 176 7.47 35.10 5.98
C LEU A 176 7.56 36.18 4.90
N ASP A 177 7.05 35.91 3.71
CA ASP A 177 6.98 36.94 2.63
C ASP A 177 6.07 38.08 3.11
N MET A 178 4.94 37.73 3.73
CA MET A 178 4.01 38.76 4.20
C MET A 178 4.62 39.59 5.31
N LEU A 179 5.29 38.92 6.24
CA LEU A 179 5.93 39.62 7.35
C LEU A 179 6.97 40.62 6.84
N LYS A 180 7.81 40.17 5.90
CA LYS A 180 8.83 40.98 5.31
C LYS A 180 8.24 42.20 4.61
N ASN A 181 7.09 41.98 3.95
CA ASN A 181 6.42 43.11 3.21
C ASN A 181 5.51 43.98 4.07
N GLY A 182 5.37 43.66 5.36
CA GLY A 182 4.49 44.41 6.24
C GLY A 182 3.01 44.18 6.03
N THR A 183 2.63 43.07 5.39
CA THR A 183 1.23 42.75 5.08
C THR A 183 0.61 41.69 5.98
N LEU A 184 1.42 41.04 6.83
CA LEU A 184 0.89 40.05 7.79
C LEU A 184 0.17 40.80 8.90
N LYS A 185 -1.08 40.42 9.18
CA LYS A 185 -1.91 41.14 10.14
C LYS A 185 -2.01 40.56 11.51
N VAL A 186 -1.65 39.29 11.68
CA VAL A 186 -1.73 38.59 12.95
C VAL A 186 -0.50 37.73 13.09
N PRO A 187 -0.10 37.45 14.34
CA PRO A 187 1.09 36.58 14.52
C PRO A 187 0.83 35.14 14.16
N ALA A 188 1.90 34.40 13.88
CA ALA A 188 1.77 33.00 13.49
C ALA A 188 2.81 32.13 14.21
N ILE A 189 2.45 30.87 14.35
CA ILE A 189 3.39 29.83 14.71
C ILE A 189 3.64 28.92 13.52
N ASN A 190 4.94 28.76 13.24
CA ASN A 190 5.48 27.80 12.28
C ASN A 190 5.53 26.46 12.96
N VAL A 191 4.47 25.68 12.74
CA VAL A 191 4.39 24.32 13.28
C VAL A 191 5.37 23.37 12.60
N ASN A 192 5.65 23.62 11.32
CA ASN A 192 6.50 22.76 10.57
C ASN A 192 7.85 22.59 11.20
N ASP A 193 8.40 23.68 11.75
CA ASP A 193 9.76 23.60 12.26
C ASP A 193 9.99 23.00 13.64
N SER A 194 8.94 22.49 14.28
CA SER A 194 9.17 21.52 15.37
C SER A 194 9.84 20.28 14.79
N VAL A 195 10.80 19.69 15.50
CA VAL A 195 11.45 18.48 15.00
C VAL A 195 10.45 17.34 14.89
N THR A 196 9.49 17.30 15.83
CA THR A 196 8.44 16.30 15.83
C THR A 196 7.39 16.53 14.71
N LYS A 197 7.56 17.61 13.93
CA LYS A 197 6.82 17.81 12.68
C LYS A 197 7.77 17.56 11.51
N SER A 198 8.62 18.50 11.14
CA SER A 198 9.49 18.41 9.96
C SER A 198 10.33 17.15 9.85
N LYS A 199 10.87 16.64 10.95
CA LYS A 199 11.77 15.47 10.85
CA LYS A 199 11.78 15.47 10.88
C LYS A 199 11.09 14.19 11.24
N ASN A 200 9.77 14.25 11.25
CA ASN A 200 8.91 13.11 11.54
C ASN A 200 7.94 12.96 10.34
N ASP A 201 6.92 13.80 10.32
CA ASP A 201 5.94 13.89 9.23
C ASP A 201 6.57 14.02 7.87
N ASN A 202 7.43 15.03 7.63
CA ASN A 202 7.77 15.29 6.24
C ASN A 202 8.58 14.11 5.66
N LYS A 203 9.43 13.54 6.50
CA LYS A 203 10.33 12.43 6.12
C LYS A 203 9.62 11.07 6.24
N TYR A 204 9.26 10.67 7.45
CA TYR A 204 8.73 9.32 7.66
C TYR A 204 7.33 9.15 7.14
N GLY A 205 6.54 10.24 7.15
CA GLY A 205 5.22 10.16 6.56
C GLY A 205 5.25 9.82 5.10
N CYS A 206 6.12 10.49 4.37
CA CYS A 206 6.25 10.19 2.92
C CYS A 206 6.89 8.82 2.66
N ARG A 207 7.79 8.40 3.57
CA ARG A 207 8.30 7.04 3.49
C ARG A 207 7.18 6.02 3.54
N HIS A 208 6.24 6.18 4.46
CA HIS A 208 5.09 5.29 4.59
C HIS A 208 4.15 5.38 3.40
N SER A 209 3.83 6.61 2.98
CA SER A 209 2.66 6.83 2.16
C SER A 209 2.90 6.97 0.65
N LEU A 210 4.15 7.22 0.23
CA LEU A 210 4.40 7.35 -1.22
C LEU A 210 4.26 6.01 -1.93
N ASN A 211 4.98 5.00 -1.48
CA ASN A 211 4.84 3.68 -2.11
CA ASN A 211 4.83 3.66 -2.09
C ASN A 211 3.41 3.15 -1.96
N ASP A 212 2.73 3.50 -0.85
CA ASP A 212 1.33 3.08 -0.64
C ASP A 212 0.45 3.64 -1.77
N ALA A 213 0.57 4.95 -2.00
CA ALA A 213 -0.24 5.58 -3.05
C ALA A 213 0.04 5.04 -4.44
N ILE A 214 1.33 4.82 -4.74
CA ILE A 214 1.64 4.29 -6.08
C ILE A 214 1.06 2.87 -6.26
N LYS A 215 1.16 2.06 -5.22
CA LYS A 215 0.56 0.70 -5.29
C LYS A 215 -0.94 0.77 -5.42
N ARG A 216 -1.61 1.62 -4.64
CA ARG A 216 -3.07 1.70 -4.79
C ARG A 216 -3.51 2.17 -6.16
N GLY A 217 -2.78 3.15 -6.70
CA GLY A 217 -3.19 3.72 -7.99
C GLY A 217 -2.94 2.79 -9.17
N THR A 218 -1.80 2.11 -9.14
CA THR A 218 -1.31 1.38 -10.31
C THR A 218 -1.15 -0.12 -10.11
N ASP A 219 -0.97 -0.55 -8.88
CA ASP A 219 -0.59 -1.90 -8.56
C ASP A 219 0.68 -2.36 -9.26
N HIS A 220 1.55 -1.41 -9.60
CA HIS A 220 2.84 -1.76 -10.24
C HIS A 220 3.83 -2.33 -9.26
N LEU A 221 4.52 -3.40 -9.72
CA LEU A 221 5.78 -3.80 -9.10
C LEU A 221 6.75 -2.60 -9.14
N LEU A 222 7.41 -2.30 -8.01
CA LEU A 222 8.41 -1.24 -7.99
C LEU A 222 9.83 -1.81 -8.05
N SER A 223 10.04 -2.99 -7.45
CA SER A 223 11.34 -3.62 -7.41
CA SER A 223 11.37 -3.55 -7.39
C SER A 223 11.95 -3.71 -8.81
N GLY A 224 13.21 -3.33 -8.94
CA GLY A 224 13.92 -3.52 -10.19
C GLY A 224 13.73 -2.44 -11.24
N LYS A 225 12.83 -1.50 -10.96
CA LYS A 225 12.51 -0.41 -11.87
C LYS A 225 13.26 0.86 -11.49
N GLN A 226 13.36 1.81 -12.43
CA GLN A 226 14.12 3.02 -12.26
CA GLN A 226 14.12 3.03 -12.27
C GLN A 226 13.24 4.20 -11.86
N ALA A 227 13.62 4.90 -10.81
CA ALA A 227 12.93 6.09 -10.36
C ALA A 227 13.87 7.29 -10.35
N LEU A 228 13.25 8.47 -10.54
CA LEU A 228 13.89 9.77 -10.38
C LEU A 228 13.08 10.57 -9.37
N VAL A 229 13.73 10.92 -8.26
CA VAL A 229 13.12 11.77 -7.24
C VAL A 229 13.73 13.16 -7.39
N ILE A 230 12.85 14.15 -7.66
CA ILE A 230 13.31 15.54 -7.78
C ILE A 230 13.17 16.22 -6.43
N GLY A 231 14.34 16.51 -5.85
CA GLY A 231 14.44 17.07 -4.49
C GLY A 231 14.90 16.07 -3.46
N TYR A 232 15.62 16.57 -2.43
CA TYR A 232 16.18 15.76 -1.38
C TYR A 232 16.21 16.54 -0.07
N GLY A 233 15.14 17.34 0.15
CA GLY A 233 14.83 17.88 1.43
C GLY A 233 14.18 16.80 2.27
N ASP A 234 13.35 17.20 3.25
CA ASP A 234 12.75 16.14 4.13
C ASP A 234 11.83 15.20 3.33
N VAL A 235 10.99 15.78 2.46
CA VAL A 235 10.09 14.97 1.67
C VAL A 235 10.85 14.11 0.66
N GLY A 236 11.86 14.66 0.00
CA GLY A 236 12.63 13.88 -0.95
C GLY A 236 13.43 12.78 -0.27
N LYS A 237 13.93 13.01 0.95
CA LYS A 237 14.61 11.94 1.71
C LYS A 237 13.64 10.79 1.98
N GLY A 238 12.46 11.11 2.50
CA GLY A 238 11.48 10.07 2.84
C GLY A 238 10.95 9.35 1.61
N SER A 239 10.75 10.08 0.54
CA SER A 239 10.26 9.56 -0.73
C SER A 239 11.26 8.60 -1.36
N SER A 240 12.53 9.02 -1.38
CA SER A 240 13.58 8.17 -1.92
C SER A 240 13.67 6.86 -1.14
N GLN A 241 13.55 6.94 0.19
CA GLN A 241 13.56 5.73 0.98
C GLN A 241 12.34 4.85 0.72
N SER A 242 11.17 5.45 0.54
CA SER A 242 9.95 4.73 0.25
C SER A 242 10.14 3.81 -0.98
N LEU A 243 10.84 4.36 -1.97
CA LEU A 243 11.07 3.66 -3.24
C LEU A 243 12.25 2.70 -3.15
N ARG A 244 13.36 3.12 -2.55
N ARG A 244 13.35 3.12 -2.55
CA ARG A 244 14.55 2.26 -2.45
CA ARG A 244 14.51 2.25 -2.48
C ARG A 244 14.27 1.02 -1.61
C ARG A 244 14.26 1.01 -1.63
N GLN A 245 13.47 1.16 -0.55
CA GLN A 245 13.23 0.01 0.31
C GLN A 245 12.40 -1.06 -0.38
N GLU A 246 11.66 -0.67 -1.43
CA GLU A 246 10.89 -1.57 -2.28
C GLU A 246 11.72 -2.19 -3.37
N GLY A 247 13.00 -1.78 -3.49
CA GLY A 247 13.88 -2.31 -4.52
C GLY A 247 13.98 -1.47 -5.77
N MET A 248 13.46 -0.24 -5.77
CA MET A 248 13.70 0.62 -6.93
C MET A 248 15.15 1.00 -7.01
N ILE A 249 15.61 1.29 -8.25
CA ILE A 249 16.91 1.93 -8.49
C ILE A 249 16.61 3.42 -8.58
N VAL A 250 16.96 4.15 -7.51
CA VAL A 250 16.57 5.54 -7.36
C VAL A 250 17.70 6.49 -7.67
N LYS A 251 17.44 7.43 -8.55
CA LYS A 251 18.32 8.58 -8.78
C LYS A 251 17.65 9.80 -8.22
N VAL A 252 18.48 10.78 -7.79
CA VAL A 252 18.00 11.97 -7.09
C VAL A 252 18.53 13.22 -7.78
N ALA A 253 17.65 14.19 -8.00
CA ALA A 253 18.04 15.54 -8.48
C ALA A 253 17.95 16.54 -7.34
N GLU A 254 18.81 17.56 -7.38
CA GLU A 254 18.82 18.61 -6.36
C GLU A 254 19.47 19.85 -6.96
N VAL A 255 19.04 20.99 -6.40
CA VAL A 255 19.75 22.27 -6.62
C VAL A 255 20.66 22.64 -5.46
N ASP A 256 20.44 22.01 -4.28
CA ASP A 256 21.20 22.37 -3.09
C ASP A 256 22.33 21.33 -2.91
N PRO A 257 23.59 21.76 -3.06
CA PRO A 257 24.69 20.80 -2.97
C PRO A 257 24.80 20.07 -1.65
N ILE A 258 24.35 20.70 -0.56
CA ILE A 258 24.41 20.00 0.75
C ILE A 258 23.41 18.83 0.77
N CYS A 259 22.18 19.07 0.30
CA CYS A 259 21.21 17.99 0.19
C CYS A 259 21.69 16.91 -0.81
N ALA A 260 22.33 17.36 -1.91
CA ALA A 260 22.85 16.39 -2.90
C ALA A 260 23.97 15.53 -2.25
N MET A 261 24.83 16.14 -1.42
N MET A 261 24.83 16.13 -1.42
CA MET A 261 25.86 15.38 -0.69
CA MET A 261 25.87 15.37 -0.71
C MET A 261 25.23 14.27 0.15
C MET A 261 25.24 14.27 0.16
N GLN A 262 24.14 14.61 0.84
CA GLN A 262 23.43 13.63 1.65
C GLN A 262 22.94 12.49 0.78
N ALA A 263 22.37 12.81 -0.39
CA ALA A 263 21.87 11.79 -1.27
C ALA A 263 22.98 10.81 -1.73
N CYS A 264 24.14 11.36 -2.06
CA CYS A 264 25.28 10.53 -2.45
C CYS A 264 25.65 9.60 -1.28
N MET A 265 25.82 10.16 -0.08
CA MET A 265 26.19 9.37 1.08
C MET A 265 25.17 8.33 1.48
N ASP A 266 23.90 8.62 1.16
CA ASP A 266 22.81 7.72 1.43
C ASP A 266 22.71 6.61 0.38
N GLY A 267 23.56 6.66 -0.62
CA GLY A 267 23.64 5.59 -1.61
C GLY A 267 22.88 5.78 -2.90
N PHE A 268 22.58 7.04 -3.24
CA PHE A 268 21.89 7.36 -4.47
C PHE A 268 22.85 8.03 -5.46
N GLU A 269 22.60 7.80 -6.74
CA GLU A 269 23.22 8.56 -7.80
C GLU A 269 22.47 9.89 -8.02
N VAL A 270 23.24 10.99 -8.04
CA VAL A 270 22.71 12.34 -8.15
C VAL A 270 22.85 12.77 -9.62
N VAL A 271 21.71 13.06 -10.25
CA VAL A 271 21.63 13.35 -11.67
C VAL A 271 20.78 14.59 -11.86
N SER A 272 20.90 15.21 -13.03
CA SER A 272 20.02 16.32 -13.42
C SER A 272 19.23 15.89 -14.68
N PRO A 273 17.97 16.36 -14.78
CA PRO A 273 17.28 16.18 -16.07
C PRO A 273 17.93 16.92 -17.25
N TYR A 274 18.74 17.93 -16.93
CA TYR A 274 19.35 18.78 -17.95
C TYR A 274 20.83 18.47 -18.07
N LYS A 275 21.35 18.60 -19.26
CA LYS A 275 22.77 18.39 -19.56
C LYS A 275 23.58 19.43 -18.78
N ASN A 276 24.51 18.91 -17.98
CA ASN A 276 25.34 19.71 -17.06
C ASN A 276 24.54 20.54 -16.06
N GLY A 277 23.28 20.12 -15.82
CA GLY A 277 22.43 20.82 -14.90
C GLY A 277 21.83 22.14 -15.37
N ILE A 278 22.05 22.51 -16.65
N ILE A 278 22.04 22.50 -16.65
CA ILE A 278 21.62 23.82 -17.15
CA ILE A 278 21.59 23.79 -17.16
C ILE A 278 20.27 23.76 -17.87
C ILE A 278 20.37 23.66 -18.03
N ASN A 279 19.29 24.36 -17.17
N ASN A 279 19.27 24.27 -17.59
CA ASN A 279 17.87 24.40 -17.53
CA ASN A 279 18.07 24.31 -18.46
C ASN A 279 17.60 25.67 -18.30
C ASN A 279 18.08 25.57 -19.32
N ASP A 280 17.99 25.65 -19.56
N ASP A 280 18.23 25.34 -20.61
CA ASP A 280 17.84 26.79 -20.42
CA ASP A 280 18.24 26.37 -21.64
C ASP A 280 16.57 26.79 -21.28
C ASP A 280 16.85 26.98 -21.96
N GLY A 281 15.65 25.83 -21.10
N GLY A 281 15.82 26.22 -21.55
CA GLY A 281 14.35 25.90 -21.78
CA GLY A 281 14.47 26.35 -22.08
C GLY A 281 14.22 25.29 -23.19
C GLY A 281 14.23 25.38 -23.25
N THR A 282 15.29 24.77 -23.77
CA THR A 282 15.29 24.10 -25.07
C THR A 282 15.22 22.60 -24.90
N GLU A 283 14.68 21.90 -25.90
CA GLU A 283 14.71 20.45 -25.88
C GLU A 283 16.11 19.92 -25.88
N ALA A 284 17.04 20.64 -26.56
CA ALA A 284 18.41 20.19 -26.61
C ALA A 284 19.06 20.03 -25.24
N SER A 285 18.59 20.78 -24.25
CA SER A 285 19.18 20.71 -22.92
C SER A 285 18.73 19.49 -22.12
N ILE A 286 17.70 18.78 -22.59
CA ILE A 286 17.22 17.61 -21.82
C ILE A 286 18.13 16.42 -22.04
N ASP A 287 18.46 15.76 -20.94
CA ASP A 287 19.20 14.51 -21.00
C ASP A 287 18.21 13.39 -21.37
N ALA A 288 17.97 13.26 -22.66
CA ALA A 288 17.00 12.28 -23.18
C ALA A 288 17.36 10.83 -22.86
N ALA A 289 18.67 10.50 -22.85
CA ALA A 289 19.08 9.16 -22.51
C ALA A 289 18.64 8.81 -21.08
N LEU A 290 18.87 9.72 -20.15
CA LEU A 290 18.50 9.50 -18.77
C LEU A 290 16.99 9.36 -18.65
N LEU A 291 16.27 10.34 -19.16
CA LEU A 291 14.81 10.34 -18.95
C LEU A 291 14.12 9.18 -19.65
N GLY A 292 14.73 8.71 -20.74
CA GLY A 292 14.20 7.57 -21.46
C GLY A 292 14.30 6.23 -20.79
N LYS A 293 15.01 6.17 -19.66
CA LYS A 293 15.15 4.96 -18.84
C LYS A 293 14.33 5.04 -17.55
N ILE A 294 13.65 6.15 -17.28
CA ILE A 294 12.94 6.35 -15.98
C ILE A 294 11.50 5.82 -16.04
N ASP A 295 11.17 4.93 -15.11
CA ASP A 295 9.84 4.36 -14.95
C ASP A 295 8.89 5.14 -14.04
N LEU A 296 9.45 6.00 -13.18
CA LEU A 296 8.67 6.71 -12.17
C LEU A 296 9.43 8.01 -11.88
N ILE A 297 8.71 9.15 -11.95
CA ILE A 297 9.23 10.42 -11.48
C ILE A 297 8.33 10.93 -10.36
N VAL A 298 8.98 11.42 -9.29
CA VAL A 298 8.28 11.97 -8.15
C VAL A 298 8.89 13.35 -7.84
N THR A 299 8.02 14.38 -7.78
CA THR A 299 8.46 15.73 -7.41
C THR A 299 8.22 16.01 -5.92
N THR A 300 9.22 16.60 -5.25
CA THR A 300 9.20 16.79 -3.79
C THR A 300 9.63 18.20 -3.34
N THR A 301 9.65 19.16 -4.25
CA THR A 301 10.44 20.37 -4.05
C THR A 301 9.75 21.54 -3.37
N GLY A 302 8.44 21.67 -3.49
CA GLY A 302 7.81 22.94 -3.15
C GLY A 302 8.11 24.09 -4.12
N ASN A 303 8.71 23.78 -5.26
CA ASN A 303 9.08 24.74 -6.31
C ASN A 303 8.17 24.55 -7.53
N VAL A 304 8.41 25.32 -8.60
CA VAL A 304 7.57 25.37 -9.74
C VAL A 304 8.26 24.78 -10.98
N ASN A 305 7.53 23.94 -11.68
CA ASN A 305 7.96 23.46 -12.99
CA ASN A 305 7.94 23.46 -12.98
C ASN A 305 9.31 22.72 -12.94
N VAL A 306 9.39 21.80 -11.96
CA VAL A 306 10.54 20.93 -11.81
C VAL A 306 10.43 19.61 -12.57
N CYS A 307 9.24 19.33 -13.05
CA CYS A 307 9.04 18.29 -14.09
C CYS A 307 8.31 18.99 -15.23
N ASP A 308 9.11 19.51 -16.15
CA ASP A 308 8.63 20.44 -17.16
C ASP A 308 8.19 19.73 -18.42
N ALA A 309 7.66 20.51 -19.36
CA ALA A 309 7.13 19.93 -20.60
C ALA A 309 8.15 19.11 -21.40
N ASN A 310 9.37 19.64 -21.52
CA ASN A 310 10.39 18.90 -22.24
C ASN A 310 10.82 17.61 -21.55
N MET A 311 10.81 17.62 -20.22
CA MET A 311 11.05 16.38 -19.50
C MET A 311 9.92 15.37 -19.76
N LEU A 312 8.67 15.84 -19.70
CA LEU A 312 7.52 14.97 -19.95
C LEU A 312 7.57 14.31 -21.34
N LYS A 313 8.04 15.09 -22.34
CA LYS A 313 8.17 14.57 -23.66
C LYS A 313 9.24 13.50 -23.81
N ALA A 314 10.26 13.57 -22.93
CA ALA A 314 11.39 12.67 -23.01
C ALA A 314 11.27 11.41 -22.18
N LEU A 315 10.32 11.37 -21.24
CA LEU A 315 10.18 10.24 -20.36
C LEU A 315 9.94 8.97 -21.15
N LYS A 316 10.46 7.87 -20.61
CA LYS A 316 10.14 6.54 -21.11
C LYS A 316 8.64 6.31 -21.22
N LYS A 317 8.24 5.64 -22.31
CA LYS A 317 6.86 5.25 -22.46
CA LYS A 317 6.85 5.25 -22.46
C LYS A 317 6.38 4.50 -21.19
N ARG A 318 5.18 4.86 -20.76
CA ARG A 318 4.43 4.21 -19.68
C ARG A 318 5.00 4.53 -18.32
N ALA A 319 5.87 5.55 -18.23
CA ALA A 319 6.31 6.04 -16.92
C ALA A 319 5.14 6.58 -16.10
N VAL A 320 5.27 6.42 -14.77
CA VAL A 320 4.38 7.04 -13.81
C VAL A 320 4.95 8.39 -13.40
N VAL A 321 4.08 9.40 -13.31
CA VAL A 321 4.45 10.77 -12.94
C VAL A 321 3.57 11.14 -11.74
N CYS A 322 4.20 11.65 -10.67
CA CYS A 322 3.44 12.10 -9.52
C CYS A 322 4.21 13.17 -8.73
N ASN A 323 3.46 13.84 -7.88
CA ASN A 323 3.93 14.94 -7.09
C ASN A 323 3.50 14.70 -5.64
N ILE A 324 4.43 14.88 -4.70
CA ILE A 324 4.15 14.80 -3.27
C ILE A 324 4.45 16.12 -2.56
N GLY A 325 4.83 17.15 -3.31
CA GLY A 325 4.91 18.53 -2.74
C GLY A 325 3.49 19.10 -2.54
N HIS A 326 3.33 20.17 -1.81
CA HIS A 326 1.99 20.69 -1.50
C HIS A 326 1.12 21.09 -2.68
N PHE A 327 1.71 21.74 -3.69
N PHE A 327 1.68 21.73 -3.71
CA PHE A 327 0.92 22.24 -4.82
CA PHE A 327 0.87 22.25 -4.84
C PHE A 327 1.32 21.53 -6.08
C PHE A 327 1.18 21.56 -6.17
N ASP A 328 0.29 21.30 -6.95
N ASP A 328 0.16 21.59 -7.09
CA ASP A 328 0.49 20.65 -8.26
CA ASP A 328 0.25 20.84 -8.39
C ASP A 328 1.40 21.29 -9.31
C ASP A 328 0.87 21.55 -9.60
N ASN A 329 1.66 22.58 -9.18
N ASN A 329 1.69 22.56 -9.32
CA ASN A 329 2.50 23.28 -10.14
CA ASN A 329 2.48 23.17 -10.35
C ASN A 329 3.96 22.79 -10.28
C ASN A 329 3.95 22.76 -10.33
N GLU A 330 4.33 21.77 -9.51
CA GLU A 330 5.65 21.14 -9.63
C GLU A 330 5.82 20.46 -11.00
N ILE A 331 4.71 19.90 -11.50
CA ILE A 331 4.64 19.23 -12.80
C ILE A 331 3.88 20.13 -13.74
N ASP A 332 4.35 20.25 -15.01
CA ASP A 332 3.61 21.06 -16.00
C ASP A 332 2.37 20.31 -16.52
N THR A 333 1.39 20.16 -15.66
CA THR A 333 0.14 19.52 -16.04
C THR A 333 -0.66 20.39 -17.04
N ALA A 334 -0.49 21.72 -17.01
CA ALA A 334 -1.20 22.57 -17.98
C ALA A 334 -0.75 22.21 -19.41
N PHE A 335 0.57 21.97 -19.60
CA PHE A 335 1.06 21.55 -20.91
C PHE A 335 0.35 20.25 -21.33
N MET A 336 0.21 19.30 -20.40
CA MET A 336 -0.41 18.03 -20.74
C MET A 336 -1.90 18.20 -21.09
N ARG A 337 -2.59 19.08 -20.35
CA ARG A 337 -3.99 19.36 -20.66
C ARG A 337 -4.19 20.01 -22.04
N LYS A 338 -3.24 20.85 -22.42
CA LYS A 338 -3.36 21.57 -23.70
CA LYS A 338 -3.34 21.57 -23.68
C LYS A 338 -3.02 20.66 -24.88
N ASN A 339 -2.15 19.68 -24.69
CA ASN A 339 -1.57 18.97 -25.85
C ASN A 339 -1.93 17.50 -26.03
N TRP A 340 -2.23 16.82 -24.94
CA TRP A 340 -2.33 15.36 -24.92
C TRP A 340 -3.71 14.92 -24.42
N ALA A 341 -4.15 13.77 -24.83
CA ALA A 341 -5.47 13.23 -24.44
C ALA A 341 -5.39 12.49 -23.12
N TRP A 342 -6.36 12.77 -22.24
CA TRP A 342 -6.42 12.13 -20.92
C TRP A 342 -7.48 11.02 -20.92
N GLU A 343 -7.03 9.81 -20.67
CA GLU A 343 -7.92 8.63 -20.51
C GLU A 343 -7.96 8.32 -19.01
N GLU A 344 -9.11 8.51 -18.38
CA GLU A 344 -9.24 8.16 -16.99
C GLU A 344 -9.28 6.63 -16.83
N VAL A 345 -8.38 6.12 -15.97
CA VAL A 345 -8.41 4.69 -15.65
C VAL A 345 -9.42 4.44 -14.53
N LYS A 346 -9.30 5.24 -13.48
CA LYS A 346 -10.17 5.25 -12.32
C LYS A 346 -9.91 6.60 -11.64
N PRO A 347 -10.68 6.98 -10.62
CA PRO A 347 -10.41 8.31 -10.01
C PRO A 347 -8.93 8.44 -9.58
N GLN A 348 -8.37 9.61 -9.89
CA GLN A 348 -6.99 9.92 -9.53
C GLN A 348 -5.94 9.08 -10.28
N VAL A 349 -6.33 8.48 -11.39
CA VAL A 349 -5.39 7.76 -12.25
C VAL A 349 -5.75 8.03 -13.69
N HIS A 350 -4.83 8.70 -14.40
CA HIS A 350 -5.07 9.01 -15.82
C HIS A 350 -3.89 8.57 -16.69
N LYS A 351 -4.21 7.97 -17.84
CA LYS A 351 -3.22 7.76 -18.88
C LYS A 351 -3.25 9.01 -19.75
N ILE A 352 -2.07 9.57 -19.95
CA ILE A 352 -1.88 10.79 -20.73
C ILE A 352 -1.22 10.36 -22.04
N HIS A 353 -2.00 10.43 -23.14
CA HIS A 353 -1.58 9.89 -24.41
C HIS A 353 -0.80 10.94 -25.21
N ARG A 354 0.46 10.65 -25.48
CA ARG A 354 1.37 11.63 -26.08
C ARG A 354 1.23 11.69 -27.62
N THR A 355 0.29 10.96 -28.14
CA THR A 355 -0.06 10.93 -29.55
C THR A 355 -0.78 12.19 -30.06
N GLY A 356 -1.36 12.98 -29.16
CA GLY A 356 -2.11 14.16 -29.49
C GLY A 356 -3.31 14.32 -28.61
N LYS A 357 -4.14 15.32 -28.96
CA LYS A 357 -5.32 15.69 -28.12
CA LYS A 357 -5.30 15.78 -28.16
C LYS A 357 -6.65 15.21 -28.70
N ASP A 358 -6.65 14.67 -29.92
CA ASP A 358 -7.94 14.39 -30.64
C ASP A 358 -8.41 12.96 -30.37
N GLY A 359 -8.94 12.75 -29.18
CA GLY A 359 -9.29 11.41 -28.79
C GLY A 359 -8.02 10.61 -28.48
N PHE A 360 -8.23 9.34 -28.18
CA PHE A 360 -7.10 8.44 -27.87
C PHE A 360 -7.45 7.03 -28.35
N ASP A 361 -6.37 6.26 -28.57
CA ASP A 361 -6.44 4.83 -28.86
C ASP A 361 -6.22 4.10 -27.55
N ALA A 362 -7.24 3.34 -27.13
CA ALA A 362 -7.16 2.57 -25.87
C ALA A 362 -5.95 1.61 -25.80
N HIS A 363 -5.38 1.23 -26.95
CA HIS A 363 -4.26 0.35 -27.04
C HIS A 363 -2.93 1.01 -27.41
N ASN A 364 -2.93 2.34 -27.43
CA ASN A 364 -1.71 3.09 -27.65
C ASN A 364 -0.67 2.76 -26.57
N ASP A 365 0.59 2.56 -26.96
CA ASP A 365 1.66 2.31 -26.01
C ASP A 365 2.36 3.55 -25.52
N ASP A 366 2.11 4.70 -26.15
CA ASP A 366 2.86 5.93 -25.85
C ASP A 366 2.04 6.85 -24.96
N TYR A 367 2.07 6.50 -23.68
CA TYR A 367 1.37 7.27 -22.70
C TYR A 367 2.20 7.38 -21.42
N LEU A 368 1.81 8.32 -20.55
CA LEU A 368 2.30 8.40 -19.19
C LEU A 368 1.13 8.13 -18.23
N ILE A 369 1.42 7.64 -17.04
CA ILE A 369 0.36 7.51 -16.03
C ILE A 369 0.57 8.63 -15.00
N LEU A 370 -0.39 9.55 -14.92
CA LEU A 370 -0.37 10.64 -13.95
C LEU A 370 -1.28 10.26 -12.80
N LEU A 371 -0.74 10.43 -11.56
CA LEU A 371 -1.53 10.19 -10.37
C LEU A 371 -2.05 11.49 -9.80
N ALA A 372 -3.29 11.45 -9.30
CA ALA A 372 -3.95 12.54 -8.57
C ALA A 372 -3.96 13.84 -9.35
N GLU A 373 -3.92 13.76 -10.69
CA GLU A 373 -3.87 14.96 -11.51
C GLU A 373 -2.72 15.90 -11.13
N GLY A 374 -1.63 15.31 -10.61
CA GLY A 374 -0.48 16.09 -10.18
C GLY A 374 -0.59 16.73 -8.79
N ARG A 375 -1.70 16.49 -8.09
CA ARG A 375 -1.85 16.96 -6.73
CA ARG A 375 -1.89 16.96 -6.72
C ARG A 375 -1.22 15.95 -5.76
N LEU A 376 -1.05 16.34 -4.48
CA LEU A 376 -0.28 15.55 -3.55
C LEU A 376 -0.73 14.10 -3.60
N VAL A 377 0.19 13.20 -3.96
CA VAL A 377 -0.18 11.85 -4.37
C VAL A 377 -0.54 10.96 -3.16
N ASN A 378 0.16 11.17 -2.05
CA ASN A 378 -0.11 10.31 -0.90
C ASN A 378 -1.54 10.45 -0.38
N LEU A 379 -2.01 11.69 -0.35
CA LEU A 379 -3.39 11.96 0.07
C LEU A 379 -4.39 11.71 -1.03
N GLY A 380 -3.95 11.90 -2.29
CA GLY A 380 -4.88 11.74 -3.41
C GLY A 380 -5.20 10.29 -3.76
N ASN A 381 -4.16 9.46 -3.77
CA ASN A 381 -4.29 8.06 -4.17
C ASN A 381 -4.25 7.08 -2.98
N ALA A 382 -3.96 7.54 -1.77
CA ALA A 382 -4.03 6.71 -0.57
C ALA A 382 -4.68 7.52 0.55
N THR A 383 -4.13 7.46 1.76
CA THR A 383 -4.76 8.13 2.89
C THR A 383 -3.76 9.06 3.58
N GLY A 384 -2.74 9.50 2.86
CA GLY A 384 -1.72 10.33 3.49
C GLY A 384 -0.94 9.63 4.58
N HIS A 385 -0.38 10.44 5.47
CA HIS A 385 0.47 9.89 6.52
C HIS A 385 -0.38 9.11 7.51
N PRO A 386 0.25 8.13 8.20
CA PRO A 386 -0.47 7.35 9.15
C PRO A 386 -0.68 8.09 10.48
N SER A 387 -1.69 7.66 11.23
CA SER A 387 -2.04 8.30 12.51
C SER A 387 -0.84 8.48 13.46
N ARG A 388 -0.01 7.43 13.59
CA ARG A 388 1.08 7.53 14.60
C ARG A 388 2.12 8.58 14.26
N ILE A 389 2.27 8.92 12.96
CA ILE A 389 3.13 10.01 12.53
C ILE A 389 2.40 11.35 12.71
N MET A 390 1.15 11.45 12.24
CA MET A 390 0.43 12.73 12.37
C MET A 390 0.19 13.16 13.80
N ASP A 391 0.28 12.21 14.73
CA ASP A 391 0.23 12.50 16.17
C ASP A 391 1.23 13.60 16.51
N GLY A 392 2.46 13.52 15.99
CA GLY A 392 3.43 14.55 16.31
C GLY A 392 3.07 15.91 15.77
N SER A 393 2.74 15.97 14.49
CA SER A 393 2.38 17.26 13.88
C SER A 393 1.19 17.89 14.59
N PHE A 394 0.19 17.07 14.89
CA PHE A 394 -1.05 17.58 15.41
C PHE A 394 -1.02 17.89 16.91
N ALA A 395 -0.16 17.20 17.67
CA ALA A 395 0.11 17.63 19.02
C ALA A 395 0.71 19.04 19.03
N ASN A 396 1.65 19.27 18.12
CA ASN A 396 2.22 20.62 17.95
C ASN A 396 1.13 21.64 17.58
N GLN A 397 0.24 21.30 16.66
CA GLN A 397 -0.85 22.22 16.33
C GLN A 397 -1.66 22.61 17.56
N VAL A 398 -2.01 21.64 18.41
CA VAL A 398 -2.83 21.93 19.56
C VAL A 398 -2.06 22.84 20.53
N LEU A 399 -0.78 22.53 20.76
CA LEU A 399 0.03 23.38 21.63
C LEU A 399 0.13 24.82 21.09
N ALA A 400 0.26 24.94 19.77
CA ALA A 400 0.38 26.24 19.10
C ALA A 400 -0.93 27.05 19.21
N GLN A 401 -2.05 26.36 19.04
CA GLN A 401 -3.38 27.00 19.19
C GLN A 401 -3.54 27.48 20.63
N ILE A 402 -3.19 26.66 21.60
CA ILE A 402 -3.25 27.07 23.00
C ILE A 402 -2.40 28.31 23.24
N HIS A 403 -1.17 28.30 22.75
CA HIS A 403 -0.27 29.44 23.02
C HIS A 403 -0.80 30.74 22.44
N LEU A 404 -1.13 30.75 21.16
CA LEU A 404 -1.58 31.99 20.54
C LEU A 404 -2.95 32.44 21.07
N PHE A 405 -3.84 31.50 21.35
CA PHE A 405 -5.15 31.86 21.91
C PHE A 405 -4.96 32.56 23.28
N GLU A 406 -4.09 32.00 24.10
CA GLU A 406 -3.87 32.50 25.43
C GLU A 406 -3.17 33.89 25.41
N GLN A 407 -2.35 34.14 24.39
CA GLN A 407 -1.65 35.42 24.23
C GLN A 407 -2.61 36.57 23.86
N LYS A 408 -3.74 36.24 23.23
CA LYS A 408 -4.79 37.26 22.97
C LYS A 408 -4.31 38.49 22.21
N TYR A 409 -3.55 38.31 21.16
CA TYR A 409 -3.04 39.42 20.32
C TYR A 409 -4.09 40.44 19.91
N ALA A 410 -5.27 39.99 19.48
CA ALA A 410 -6.30 40.91 18.99
C ALA A 410 -6.74 41.93 20.03
N ASP A 411 -6.60 41.57 21.30
CA ASP A 411 -7.03 42.42 22.40
C ASP A 411 -5.95 43.36 22.95
N LEU A 412 -4.74 43.26 22.39
CA LEU A 412 -3.61 44.00 22.93
C LEU A 412 -3.66 45.46 22.47
N PRO A 413 -3.14 46.40 23.28
CA PRO A 413 -2.90 47.74 22.71
C PRO A 413 -1.91 47.72 21.52
N ALA A 414 -2.01 48.74 20.69
CA ALA A 414 -1.20 48.85 19.48
C ALA A 414 0.31 48.65 19.70
N ALA A 415 0.84 49.27 20.74
CA ALA A 415 2.29 49.18 20.99
C ALA A 415 2.71 47.78 21.41
N GLU A 416 1.80 47.08 22.07
CA GLU A 416 2.02 45.73 22.50
C GLU A 416 1.94 44.77 21.28
N LYS A 417 0.97 45.02 20.40
CA LYS A 417 0.85 44.24 19.16
C LYS A 417 2.10 44.35 18.32
N ALA A 418 2.70 45.53 18.24
CA ALA A 418 3.89 45.70 17.40
C ALA A 418 5.03 44.77 17.85
N LYS A 419 5.13 44.52 19.16
CA LYS A 419 6.18 43.66 19.73
C LYS A 419 5.92 42.17 19.53
N ARG A 420 4.67 41.81 19.27
CA ARG A 420 4.31 40.42 19.12
C ARG A 420 3.97 39.99 17.71
N LEU A 421 4.04 40.90 16.76
CA LEU A 421 3.73 40.54 15.39
C LEU A 421 4.95 39.82 14.74
N SER A 422 4.91 38.50 14.79
CA SER A 422 6.07 37.67 14.43
C SER A 422 5.61 36.29 13.97
N VAL A 423 6.52 35.56 13.31
CA VAL A 423 6.35 34.13 13.01
C VAL A 423 7.39 33.40 13.88
N GLU A 424 6.90 32.57 14.79
CA GLU A 424 7.73 31.95 15.82
C GLU A 424 7.52 30.42 15.78
N VAL A 425 8.42 29.72 16.42
CA VAL A 425 8.34 28.27 16.60
C VAL A 425 8.02 27.98 18.06
N LEU A 426 7.53 26.78 18.32
CA LEU A 426 7.37 26.32 19.67
C LEU A 426 8.72 26.08 20.38
N PRO A 427 8.76 26.22 21.71
CA PRO A 427 9.99 25.92 22.43
C PRO A 427 10.41 24.43 22.37
N LYS A 428 11.72 24.22 22.44
CA LYS A 428 12.25 22.89 22.39
C LYS A 428 11.70 22.01 23.49
N LYS A 429 11.48 22.54 24.68
CA LYS A 429 10.97 21.69 25.74
C LYS A 429 9.64 21.02 25.35
N LEU A 430 8.78 21.76 24.66
CA LEU A 430 7.50 21.18 24.23
C LEU A 430 7.70 20.15 23.10
N ASP A 431 8.63 20.41 22.19
CA ASP A 431 9.01 19.45 21.13
C ASP A 431 9.43 18.13 21.78
N GLU A 432 10.25 18.22 22.82
CA GLU A 432 10.70 17.06 23.57
C GLU A 432 9.58 16.31 24.24
N GLU A 433 8.64 17.05 24.83
CA GLU A 433 7.52 16.43 25.51
C GLU A 433 6.61 15.68 24.51
N VAL A 434 6.40 16.24 23.33
CA VAL A 434 5.70 15.52 22.27
C VAL A 434 6.43 14.22 21.90
N ALA A 435 7.74 14.37 21.66
CA ALA A 435 8.56 13.21 21.29
C ALA A 435 8.48 12.09 22.33
N LEU A 436 8.50 12.48 23.60
CA LEU A 436 8.48 11.48 24.63
C LEU A 436 7.20 10.67 24.59
N GLU A 437 6.06 11.32 24.37
N GLU A 437 6.06 11.32 24.37
CA GLU A 437 4.82 10.58 24.25
CA GLU A 437 4.81 10.58 24.24
C GLU A 437 4.81 9.68 23.02
C GLU A 437 4.81 9.67 23.02
N MET A 438 5.41 10.13 21.93
CA MET A 438 5.51 9.27 20.75
C MET A 438 6.34 8.02 21.07
N VAL A 439 7.51 8.21 21.72
CA VAL A 439 8.39 7.10 22.04
C VAL A 439 7.66 6.08 22.93
N LYS A 440 6.96 6.57 23.96
CA LYS A 440 6.22 5.67 24.81
C LYS A 440 5.15 4.89 24.05
N GLY A 441 4.61 5.49 22.99
CA GLY A 441 3.67 4.77 22.17
C GLY A 441 4.24 3.55 21.47
N PHE A 442 5.53 3.59 21.15
CA PHE A 442 6.24 2.41 20.60
C PHE A 442 6.70 1.44 21.68
N GLY A 443 6.47 1.76 22.97
CA GLY A 443 6.99 0.97 24.05
C GLY A 443 8.42 1.29 24.34
N GLY A 444 8.96 2.38 23.75
CA GLY A 444 10.34 2.81 24.02
C GLY A 444 10.54 3.27 25.44
N VAL A 445 11.75 3.08 25.97
CA VAL A 445 12.11 3.52 27.33
C VAL A 445 13.31 4.46 27.22
N VAL A 446 13.08 5.74 27.53
CA VAL A 446 14.14 6.73 27.57
C VAL A 446 14.88 6.66 28.90
N THR A 447 16.18 6.75 28.85
CA THR A 447 17.03 6.76 30.05
C THR A 447 17.01 8.13 30.69
N GLN A 448 17.01 8.17 32.04
CA GLN A 448 17.18 9.43 32.75
C GLN A 448 18.66 9.64 33.08
N LEU A 449 19.17 10.83 32.78
CA LEU A 449 20.50 11.23 33.18
C LEU A 449 20.67 11.20 34.67
N THR A 450 21.84 10.78 35.14
CA THR A 450 22.18 11.03 36.55
C THR A 450 22.55 12.51 36.72
N PRO A 451 22.51 13.02 37.98
CA PRO A 451 22.97 14.37 38.19
C PRO A 451 24.39 14.64 37.66
N LYS A 452 25.30 13.69 37.85
CA LYS A 452 26.70 13.82 37.41
C LYS A 452 26.76 13.92 35.88
N GLN A 453 25.96 13.10 35.20
CA GLN A 453 25.99 13.10 33.75
C GLN A 453 25.37 14.40 33.19
N ALA A 454 24.28 14.85 33.82
CA ALA A 454 23.66 16.11 33.39
C ALA A 454 24.65 17.28 33.55
N GLU A 455 25.37 17.29 34.66
CA GLU A 455 26.45 18.31 34.86
C GLU A 455 27.56 18.21 33.80
N TYR A 456 27.92 16.99 33.48
CA TYR A 456 29.02 16.75 32.56
C TYR A 456 28.74 17.32 31.19
N ILE A 457 27.50 17.15 30.68
CA ILE A 457 27.14 17.66 29.37
C ILE A 457 26.43 19.03 29.37
N GLY A 458 26.19 19.55 30.57
CA GLY A 458 25.65 20.89 30.72
C GLY A 458 24.17 21.04 30.44
N VAL A 459 23.37 20.08 30.89
CA VAL A 459 21.91 20.13 30.71
C VAL A 459 21.21 19.83 32.04
N SER A 460 19.93 20.22 32.12
CA SER A 460 19.06 19.77 33.17
C SER A 460 18.68 18.31 32.95
N VAL A 461 18.47 17.58 34.05
CA VAL A 461 17.99 16.20 33.92
C VAL A 461 16.61 16.17 33.18
N GLU A 462 15.82 17.27 33.27
CA GLU A 462 14.53 17.35 32.63
CA GLU A 462 14.52 17.34 32.61
C GLU A 462 14.57 17.82 31.17
N GLY A 463 15.73 18.22 30.72
CA GLY A 463 15.90 18.86 29.42
C GLY A 463 15.61 20.34 29.51
N PRO A 464 15.71 21.05 28.40
CA PRO A 464 16.05 20.50 27.06
C PRO A 464 17.47 19.97 26.95
N PHE A 465 17.62 19.00 26.06
CA PHE A 465 18.85 18.23 25.99
C PHE A 465 19.86 18.73 24.95
N LYS A 466 19.43 19.62 24.06
CA LYS A 466 20.23 20.12 22.96
C LYS A 466 20.07 21.64 22.87
N PRO A 467 21.12 22.32 22.37
CA PRO A 467 20.95 23.74 22.08
C PRO A 467 20.01 23.97 20.91
N ASP A 468 19.53 25.20 20.77
CA ASP A 468 18.62 25.51 19.66
C ASP A 468 19.26 25.35 18.27
N THR A 469 20.59 25.41 18.19
CA THR A 469 21.30 25.20 16.92
C THR A 469 21.37 23.74 16.48
N TYR A 470 21.01 22.80 17.35
CA TYR A 470 21.17 21.39 16.97
C TYR A 470 20.23 20.96 15.85
N ARG A 471 20.78 20.19 14.92
CA ARG A 471 20.02 19.86 13.71
C ARG A 471 19.38 18.47 13.70
N TYR A 472 19.72 17.60 14.64
CA TYR A 472 19.19 16.24 14.70
C TYR A 472 19.50 15.47 13.38
N PHE B 13 -25.31 -12.97 -24.23
CA PHE B 13 -24.44 -13.77 -23.29
C PHE B 13 -24.84 -13.62 -21.82
N THR B 14 -25.18 -14.72 -21.16
CA THR B 14 -25.65 -14.72 -19.79
C THR B 14 -25.00 -15.80 -18.92
N ASP B 15 -24.01 -16.52 -19.46
CA ASP B 15 -23.42 -17.68 -18.76
C ASP B 15 -22.27 -17.25 -17.87
N TYR B 16 -22.61 -16.50 -16.83
CA TYR B 16 -21.64 -15.93 -15.90
C TYR B 16 -22.39 -15.45 -14.67
N LYS B 17 -21.64 -15.19 -13.60
CA LYS B 17 -22.20 -14.50 -12.45
CA LYS B 17 -22.19 -14.48 -12.46
C LYS B 17 -21.10 -13.70 -11.78
N VAL B 18 -21.28 -12.36 -11.79
CA VAL B 18 -20.32 -11.45 -11.22
C VAL B 18 -21.06 -10.40 -10.37
N ALA B 19 -20.30 -9.62 -9.59
CA ALA B 19 -20.93 -8.63 -8.74
C ALA B 19 -21.65 -7.51 -9.52
N ASP B 20 -20.95 -7.03 -10.55
CA ASP B 20 -21.43 -5.82 -11.24
C ASP B 20 -20.77 -5.72 -12.61
N ILE B 21 -21.55 -6.07 -13.63
CA ILE B 21 -21.01 -6.11 -14.99
C ILE B 21 -20.63 -4.71 -15.49
N THR B 22 -21.13 -3.65 -14.86
CA THR B 22 -20.79 -2.29 -15.32
C THR B 22 -19.37 -1.88 -14.96
N LEU B 23 -18.67 -2.70 -14.16
CA LEU B 23 -17.27 -2.49 -13.86
C LEU B 23 -16.34 -2.97 -14.99
N ALA B 24 -16.92 -3.51 -16.06
CA ALA B 24 -16.12 -4.17 -17.13
C ALA B 24 -15.12 -3.19 -17.76
N ALA B 25 -15.58 -1.95 -18.10
CA ALA B 25 -14.67 -1.07 -18.82
C ALA B 25 -13.44 -0.69 -17.96
N TRP B 26 -13.65 -0.46 -16.67
CA TRP B 26 -12.54 -0.23 -15.74
C TRP B 26 -11.61 -1.47 -15.71
N GLY B 27 -12.19 -2.66 -15.62
CA GLY B 27 -11.36 -3.85 -15.68
C GLY B 27 -10.57 -3.98 -16.95
N ARG B 28 -11.22 -3.65 -18.08
CA ARG B 28 -10.52 -3.75 -19.36
C ARG B 28 -9.34 -2.76 -19.41
N ARG B 29 -9.54 -1.55 -18.86
CA ARG B 29 -8.39 -0.60 -18.83
C ARG B 29 -7.25 -1.17 -18.00
N GLU B 30 -7.58 -1.82 -16.88
CA GLU B 30 -6.54 -2.42 -16.07
C GLU B 30 -5.88 -3.66 -16.70
N LEU B 31 -6.67 -4.43 -17.49
CA LEU B 31 -6.07 -5.51 -18.27
C LEU B 31 -5.09 -5.04 -19.30
N ILE B 32 -5.44 -3.92 -19.95
CA ILE B 32 -4.52 -3.36 -20.96
C ILE B 32 -3.21 -2.91 -20.31
N ILE B 33 -3.31 -2.24 -19.17
CA ILE B 33 -2.06 -1.92 -18.41
C ILE B 33 -1.30 -3.18 -18.02
N ALA B 34 -2.01 -4.15 -17.51
CA ALA B 34 -1.35 -5.39 -17.08
C ALA B 34 -0.62 -6.10 -18.21
N GLU B 35 -1.22 -6.10 -19.41
CA GLU B 35 -0.53 -6.73 -20.53
C GLU B 35 0.86 -6.10 -20.72
N SER B 36 0.96 -4.75 -20.56
CA SER B 36 2.24 -4.08 -20.67
C SER B 36 3.25 -4.42 -19.59
N GLU B 37 2.77 -5.00 -18.47
CA GLU B 37 3.59 -5.42 -17.35
C GLU B 37 3.90 -6.93 -17.36
N MET B 38 3.43 -7.67 -18.41
CA MET B 38 3.53 -9.12 -18.41
C MET B 38 4.15 -9.62 -19.72
N PRO B 39 5.43 -9.31 -19.90
CA PRO B 39 6.07 -9.64 -21.20
C PRO B 39 6.24 -11.11 -21.49
N ALA B 40 6.43 -11.95 -20.45
CA ALA B 40 6.55 -13.38 -20.73
C ALA B 40 5.24 -13.95 -21.26
N LEU B 41 4.16 -13.57 -20.58
CA LEU B 41 2.86 -14.06 -20.96
C LEU B 41 2.46 -13.52 -22.35
N MET B 42 2.66 -12.21 -22.57
CA MET B 42 2.35 -11.58 -23.87
CA MET B 42 2.31 -11.65 -23.85
C MET B 42 3.23 -12.17 -24.98
N GLY B 43 4.48 -12.50 -24.62
CA GLY B 43 5.35 -13.13 -25.57
C GLY B 43 4.89 -14.49 -26.03
N LEU B 44 4.30 -15.23 -25.12
CA LEU B 44 3.68 -16.52 -25.47
C LEU B 44 2.48 -16.33 -26.37
N ARG B 45 1.66 -15.30 -26.08
CA ARG B 45 0.56 -14.99 -27.01
C ARG B 45 1.05 -14.79 -28.40
N ARG B 46 2.09 -13.96 -28.55
CA ARG B 46 2.60 -13.60 -29.85
C ARG B 46 3.20 -14.84 -30.54
N LYS B 47 3.99 -15.60 -29.80
CA LYS B 47 4.71 -16.76 -30.33
C LYS B 47 3.77 -17.84 -30.86
N TYR B 48 2.72 -18.13 -30.06
CA TYR B 48 1.89 -19.30 -30.30
C TYR B 48 0.56 -19.02 -30.98
N ALA B 49 0.24 -17.74 -31.21
CA ALA B 49 -1.08 -17.43 -31.74
C ALA B 49 -1.31 -18.07 -33.13
N GLY B 50 -0.28 -18.09 -33.96
CA GLY B 50 -0.38 -18.74 -35.29
C GLY B 50 -0.70 -20.22 -35.20
N GLN B 51 0.01 -20.90 -34.32
CA GLN B 51 -0.07 -22.33 -34.16
C GLN B 51 -1.36 -22.81 -33.48
N GLN B 52 -1.95 -21.98 -32.62
CA GLN B 52 -3.16 -22.40 -31.87
C GLN B 52 -2.96 -23.73 -31.17
N PRO B 53 -1.96 -23.80 -30.27
CA PRO B 53 -1.64 -25.07 -29.61
C PRO B 53 -2.73 -25.57 -28.68
N LEU B 54 -3.62 -24.66 -28.22
CA LEU B 54 -4.72 -25.03 -27.36
C LEU B 54 -6.08 -25.10 -28.09
N LYS B 55 -6.06 -25.21 -29.42
CA LYS B 55 -7.27 -25.41 -30.18
C LYS B 55 -7.90 -26.74 -29.75
N GLY B 56 -9.14 -26.69 -29.30
CA GLY B 56 -9.83 -27.87 -28.78
C GLY B 56 -9.73 -28.06 -27.29
N ALA B 57 -8.88 -27.27 -26.62
CA ALA B 57 -8.77 -27.38 -25.17
C ALA B 57 -9.99 -26.74 -24.54
N LYS B 58 -10.51 -27.39 -23.49
CA LYS B 58 -11.66 -26.91 -22.73
C LYS B 58 -11.24 -26.98 -21.27
N ILE B 59 -10.90 -25.81 -20.73
CA ILE B 59 -10.16 -25.70 -19.47
C ILE B 59 -11.10 -25.26 -18.35
N LEU B 60 -11.21 -26.09 -17.33
CA LEU B 60 -11.79 -25.69 -16.07
C LEU B 60 -10.71 -24.99 -15.25
N GLY B 61 -10.94 -23.71 -14.91
CA GLY B 61 -9.96 -22.98 -14.13
C GLY B 61 -10.51 -22.53 -12.81
N CYS B 62 -9.70 -22.68 -11.78
CA CYS B 62 -10.09 -22.25 -10.44
C CYS B 62 -8.86 -21.56 -9.81
N ILE B 63 -8.82 -20.23 -9.92
CA ILE B 63 -7.74 -19.43 -9.40
C ILE B 63 -8.26 -18.00 -9.29
N HIS B 64 -7.85 -17.35 -8.19
CA HIS B 64 -8.15 -15.92 -7.84
C HIS B 64 -8.49 -15.10 -9.05
N MET B 65 -9.71 -14.56 -9.09
CA MET B 65 -10.15 -13.86 -10.29
C MET B 65 -9.73 -12.38 -10.23
N THR B 66 -8.42 -12.20 -10.42
CA THR B 66 -7.76 -10.90 -10.43
C THR B 66 -7.50 -10.42 -11.85
N ILE B 67 -6.99 -9.17 -11.96
CA ILE B 67 -6.56 -8.70 -13.26
C ILE B 67 -5.47 -9.60 -13.87
N GLN B 68 -4.57 -10.07 -13.00
CA GLN B 68 -3.51 -10.95 -13.49
C GLN B 68 -4.04 -12.26 -14.08
N THR B 69 -5.00 -12.84 -13.39
CA THR B 69 -5.64 -14.04 -13.89
C THR B 69 -6.42 -13.74 -15.18
N GLY B 70 -6.97 -12.54 -15.32
CA GLY B 70 -7.60 -12.15 -16.59
C GLY B 70 -6.66 -12.23 -17.77
N VAL B 71 -5.42 -11.75 -17.57
CA VAL B 71 -4.42 -11.82 -18.65
C VAL B 71 -4.08 -13.30 -18.97
N LEU B 72 -3.95 -14.13 -17.93
CA LEU B 72 -3.79 -15.57 -18.12
C LEU B 72 -4.95 -16.17 -18.95
N ILE B 73 -6.19 -15.92 -18.52
CA ILE B 73 -7.35 -16.49 -19.19
C ILE B 73 -7.32 -16.07 -20.67
N GLU B 74 -7.13 -14.79 -20.94
CA GLU B 74 -7.15 -14.32 -22.33
C GLU B 74 -5.99 -14.82 -23.15
N THR B 75 -4.86 -15.16 -22.50
CA THR B 75 -3.78 -15.84 -23.24
C THR B 75 -4.19 -17.25 -23.65
N LEU B 76 -4.77 -17.98 -22.71
CA LEU B 76 -5.24 -19.35 -23.03
C LEU B 76 -6.23 -19.29 -24.18
N VAL B 77 -7.19 -18.34 -24.12
CA VAL B 77 -8.19 -18.18 -25.19
C VAL B 77 -7.54 -17.76 -26.49
N ALA B 78 -6.55 -16.86 -26.44
CA ALA B 78 -5.84 -16.45 -27.66
C ALA B 78 -5.09 -17.58 -28.35
N LEU B 79 -4.75 -18.62 -27.56
CA LEU B 79 -4.03 -19.79 -28.07
C LEU B 79 -4.99 -20.91 -28.50
N GLY B 80 -6.29 -20.67 -28.38
CA GLY B 80 -7.30 -21.58 -28.88
C GLY B 80 -8.26 -22.18 -27.89
N ALA B 81 -7.96 -22.00 -26.59
CA ALA B 81 -8.78 -22.64 -25.56
C ALA B 81 -10.15 -22.01 -25.43
N GLU B 82 -11.12 -22.79 -24.93
CA GLU B 82 -12.30 -22.28 -24.24
C GLU B 82 -12.15 -22.59 -22.77
N VAL B 83 -12.72 -21.76 -21.90
CA VAL B 83 -12.59 -21.90 -20.46
C VAL B 83 -13.91 -21.71 -19.75
N ARG B 84 -13.99 -22.24 -18.53
CA ARG B 84 -15.03 -21.87 -17.56
C ARG B 84 -14.32 -21.63 -16.24
N TRP B 85 -14.54 -20.46 -15.63
CA TRP B 85 -13.67 -20.02 -14.53
C TRP B 85 -14.40 -19.71 -13.21
N SER B 86 -13.66 -19.96 -12.12
CA SER B 86 -14.09 -19.54 -10.76
C SER B 86 -12.87 -19.09 -10.00
N SER B 87 -13.08 -18.37 -8.91
CA SER B 87 -12.01 -18.03 -7.98
C SER B 87 -11.74 -19.21 -7.01
N CYS B 88 -10.51 -19.30 -6.51
CA CYS B 88 -10.16 -20.28 -5.46
C CYS B 88 -10.20 -19.71 -4.05
N ASN B 89 -10.71 -18.49 -3.88
CA ASN B 89 -10.86 -17.92 -2.55
C ASN B 89 -12.04 -16.97 -2.55
N ILE B 90 -12.76 -16.95 -1.43
CA ILE B 90 -13.96 -16.12 -1.29
C ILE B 90 -13.73 -14.59 -1.32
N PHE B 91 -12.49 -14.16 -1.03
CA PHE B 91 -12.19 -12.70 -0.95
C PHE B 91 -11.20 -12.22 -1.97
N SER B 92 -10.73 -13.08 -2.89
CA SER B 92 -9.61 -12.69 -3.75
C SER B 92 -10.01 -12.08 -5.08
N THR B 93 -11.26 -12.24 -5.51
CA THR B 93 -11.68 -11.66 -6.78
C THR B 93 -11.57 -10.15 -6.77
N GLN B 94 -11.11 -9.59 -7.90
CA GLN B 94 -11.27 -8.18 -8.17
C GLN B 94 -12.49 -8.04 -9.08
N ASP B 95 -13.54 -7.42 -8.58
CA ASP B 95 -14.81 -7.44 -9.29
C ASP B 95 -14.71 -6.83 -10.69
N GLN B 96 -13.83 -5.85 -10.90
CA GLN B 96 -13.67 -5.27 -12.25
C GLN B 96 -13.01 -6.27 -13.21
N ALA B 97 -12.11 -7.13 -12.67
CA ALA B 97 -11.51 -8.17 -13.52
C ALA B 97 -12.58 -9.21 -13.93
N ALA B 98 -13.36 -9.68 -12.97
CA ALA B 98 -14.43 -10.62 -13.27
C ALA B 98 -15.39 -10.04 -14.30
N ALA B 99 -15.76 -8.78 -14.13
CA ALA B 99 -16.67 -8.12 -15.08
C ALA B 99 -16.10 -8.07 -16.47
N ALA B 100 -14.81 -7.69 -16.58
CA ALA B 100 -14.21 -7.60 -17.91
C ALA B 100 -14.17 -8.93 -18.65
N ILE B 101 -13.92 -9.99 -17.89
CA ILE B 101 -13.90 -11.34 -18.49
C ILE B 101 -15.30 -11.76 -18.93
N ALA B 102 -16.30 -11.56 -18.06
CA ALA B 102 -17.68 -11.85 -18.44
C ALA B 102 -18.13 -11.05 -19.67
N ALA B 103 -17.74 -9.79 -19.70
CA ALA B 103 -18.13 -8.88 -20.83
C ALA B 103 -17.50 -9.32 -22.15
N ALA B 104 -16.40 -10.06 -22.08
CA ALA B 104 -15.74 -10.65 -23.24
C ALA B 104 -16.36 -11.96 -23.69
N GLY B 105 -17.45 -12.39 -23.04
CA GLY B 105 -18.13 -13.61 -23.43
C GLY B 105 -17.49 -14.86 -22.87
N ILE B 106 -16.76 -14.73 -21.76
CA ILE B 106 -16.12 -15.87 -21.12
C ILE B 106 -16.89 -16.24 -19.85
N PRO B 107 -17.25 -17.54 -19.67
CA PRO B 107 -17.96 -17.92 -18.44
C PRO B 107 -17.08 -17.81 -17.21
N VAL B 108 -17.52 -16.94 -16.28
CA VAL B 108 -16.84 -16.72 -15.02
C VAL B 108 -17.88 -16.59 -13.94
N PHE B 109 -17.59 -17.19 -12.78
CA PHE B 109 -18.54 -17.21 -11.64
C PHE B 109 -17.66 -16.83 -10.44
N ALA B 110 -17.65 -15.53 -10.10
CA ALA B 110 -16.71 -15.04 -9.09
C ALA B 110 -17.06 -13.63 -8.67
N TRP B 111 -17.01 -13.40 -7.34
CA TRP B 111 -17.13 -12.05 -6.81
C TRP B 111 -16.40 -11.97 -5.48
N LYS B 112 -16.03 -10.75 -5.12
CA LYS B 112 -15.38 -10.56 -3.82
C LYS B 112 -16.41 -10.64 -2.71
N GLY B 113 -16.12 -11.45 -1.69
CA GLY B 113 -17.04 -11.57 -0.57
C GLY B 113 -18.09 -12.65 -0.71
N GLU B 114 -17.74 -13.73 -1.42
CA GLU B 114 -18.60 -14.94 -1.46
C GLU B 114 -18.75 -15.55 -0.07
N THR B 115 -19.92 -16.19 0.14
CA THR B 115 -20.02 -17.15 1.22
C THR B 115 -19.42 -18.49 0.79
N GLU B 116 -19.24 -19.41 1.77
CA GLU B 116 -18.75 -20.75 1.44
C GLU B 116 -19.73 -21.45 0.49
N GLU B 117 -21.04 -21.31 0.72
CA GLU B 117 -22.01 -21.93 -0.16
C GLU B 117 -21.87 -21.38 -1.59
N GLU B 118 -21.75 -20.07 -1.72
CA GLU B 118 -21.56 -19.45 -3.01
C GLU B 118 -20.27 -19.89 -3.69
N TYR B 119 -19.20 -20.05 -2.92
CA TYR B 119 -17.93 -20.52 -3.45
C TYR B 119 -18.07 -21.88 -4.14
N GLU B 120 -18.75 -22.80 -3.44
CA GLU B 120 -18.98 -24.13 -4.00
C GLU B 120 -19.89 -24.10 -5.20
N TRP B 121 -20.90 -23.21 -5.16
CA TRP B 121 -21.83 -23.06 -6.27
C TRP B 121 -21.08 -22.57 -7.53
N CYS B 122 -20.11 -21.63 -7.32
CA CYS B 122 -19.34 -21.09 -8.45
C CYS B 122 -18.50 -22.18 -9.10
N ILE B 123 -17.80 -22.99 -8.29
CA ILE B 123 -17.02 -24.09 -8.89
C ILE B 123 -17.97 -25.03 -9.67
N GLU B 124 -19.13 -25.35 -9.08
CA GLU B 124 -20.08 -26.20 -9.78
CA GLU B 124 -20.13 -26.19 -9.77
C GLU B 124 -20.57 -25.60 -11.10
N GLN B 125 -20.69 -24.28 -11.17
CA GLN B 125 -21.09 -23.65 -12.44
C GLN B 125 -20.04 -23.79 -13.53
N THR B 126 -18.77 -23.94 -13.14
CA THR B 126 -17.75 -24.22 -14.16
C THR B 126 -17.84 -25.66 -14.68
N ILE B 127 -18.07 -26.58 -13.76
CA ILE B 127 -18.14 -28.02 -14.05
C ILE B 127 -19.36 -28.37 -14.91
N LEU B 128 -20.49 -27.75 -14.59
CA LEU B 128 -21.74 -27.99 -15.30
C LEU B 128 -22.07 -26.89 -16.28
N LYS B 129 -22.48 -27.25 -17.46
CA LYS B 129 -22.98 -26.28 -18.44
C LYS B 129 -24.39 -26.77 -18.78
N ASP B 130 -25.37 -25.89 -18.63
CA ASP B 130 -26.77 -26.25 -18.92
C ASP B 130 -27.21 -27.50 -18.14
N GLY B 131 -26.76 -27.60 -16.89
CA GLY B 131 -27.19 -28.62 -15.96
C GLY B 131 -26.51 -29.96 -16.11
N GLN B 132 -25.53 -30.08 -17.01
CA GLN B 132 -24.89 -31.36 -17.31
C GLN B 132 -23.39 -31.12 -17.38
N PRO B 133 -22.58 -32.17 -17.17
CA PRO B 133 -21.14 -31.95 -17.22
C PRO B 133 -20.68 -31.29 -18.50
N TRP B 134 -19.85 -30.26 -18.37
CA TRP B 134 -19.21 -29.63 -19.55
C TRP B 134 -18.23 -30.64 -20.16
N ASP B 135 -17.93 -30.45 -21.46
CA ASP B 135 -16.96 -31.25 -22.14
C ASP B 135 -15.49 -30.84 -21.84
N ALA B 136 -15.20 -30.73 -20.53
CA ALA B 136 -13.85 -30.34 -20.07
C ALA B 136 -12.81 -31.35 -20.52
N ASN B 137 -11.61 -30.86 -20.82
CA ASN B 137 -10.50 -31.78 -21.04
C ASN B 137 -9.18 -31.33 -20.43
N MET B 138 -9.18 -30.24 -19.65
CA MET B 138 -8.00 -29.75 -18.94
C MET B 138 -8.45 -29.06 -17.66
N VAL B 139 -7.56 -29.04 -16.66
CA VAL B 139 -7.83 -28.38 -15.37
C VAL B 139 -6.64 -27.49 -15.06
N LEU B 140 -6.93 -26.24 -14.65
CA LEU B 140 -5.92 -25.33 -14.08
C LEU B 140 -6.43 -25.01 -12.68
N ASP B 141 -5.62 -25.32 -11.66
CA ASP B 141 -6.07 -25.24 -10.28
C ASP B 141 -5.05 -24.53 -9.41
N ASP B 142 -5.59 -23.94 -8.35
CA ASP B 142 -4.81 -23.22 -7.34
C ASP B 142 -5.38 -23.63 -5.99
N GLY B 143 -4.70 -24.57 -5.36
CA GLY B 143 -5.01 -25.09 -4.03
C GLY B 143 -5.66 -26.42 -3.95
N GLY B 144 -6.16 -26.95 -5.06
CA GLY B 144 -6.68 -28.30 -5.13
C GLY B 144 -8.17 -28.51 -4.87
N ASP B 145 -8.94 -27.43 -4.65
CA ASP B 145 -10.36 -27.66 -4.35
C ASP B 145 -11.11 -28.21 -5.57
N LEU B 146 -10.89 -27.64 -6.73
CA LEU B 146 -11.55 -28.11 -7.95
C LEU B 146 -11.10 -29.56 -8.26
N THR B 147 -9.80 -29.82 -8.13
CA THR B 147 -9.27 -31.15 -8.34
C THR B 147 -9.96 -32.18 -7.45
N GLU B 148 -10.14 -31.81 -6.19
CA GLU B 148 -10.78 -32.72 -5.19
C GLU B 148 -12.24 -32.99 -5.58
N ILE B 149 -12.97 -31.93 -5.93
CA ILE B 149 -14.39 -32.08 -6.32
C ILE B 149 -14.51 -32.99 -7.54
N LEU B 150 -13.62 -32.82 -8.52
CA LEU B 150 -13.70 -33.68 -9.70
C LEU B 150 -13.44 -35.16 -9.32
N HIS B 151 -12.44 -35.40 -8.50
CA HIS B 151 -12.12 -36.79 -8.10
C HIS B 151 -13.22 -37.42 -7.26
N LYS B 152 -13.84 -36.65 -6.37
CA LYS B 152 -14.84 -37.20 -5.49
C LYS B 152 -16.23 -37.33 -6.11
N LYS B 153 -16.61 -36.34 -6.94
CA LYS B 153 -17.97 -36.19 -7.39
C LYS B 153 -18.18 -36.41 -8.89
N TYR B 154 -17.15 -36.20 -9.68
CA TYR B 154 -17.22 -36.25 -11.16
C TYR B 154 -16.15 -37.11 -11.80
N PRO B 155 -16.00 -38.36 -11.30
CA PRO B 155 -14.96 -39.21 -11.90
C PRO B 155 -15.14 -39.47 -13.40
N GLN B 156 -16.39 -39.52 -13.90
CA GLN B 156 -16.60 -39.71 -15.36
C GLN B 156 -15.96 -38.59 -16.16
N MET B 157 -16.00 -37.37 -15.62
CA MET B 157 -15.38 -36.23 -16.32
C MET B 157 -13.87 -36.37 -16.40
N LEU B 158 -13.27 -36.95 -15.35
CA LEU B 158 -11.78 -37.12 -15.35
C LEU B 158 -11.32 -38.08 -16.42
N GLU B 159 -12.19 -39.01 -16.84
CA GLU B 159 -11.81 -39.92 -17.92
C GLU B 159 -11.38 -39.19 -19.19
N ARG B 160 -11.97 -38.02 -19.44
CA ARG B 160 -11.75 -37.26 -20.66
C ARG B 160 -10.80 -36.06 -20.48
N ILE B 161 -10.21 -35.94 -19.27
CA ILE B 161 -9.29 -34.84 -18.95
C ILE B 161 -7.83 -35.30 -19.15
N HIS B 162 -7.04 -34.48 -19.84
CA HIS B 162 -5.66 -34.81 -20.16
C HIS B 162 -4.68 -34.46 -19.06
N GLY B 163 -5.04 -33.54 -18.15
CA GLY B 163 -4.09 -33.14 -17.12
C GLY B 163 -4.57 -31.99 -16.26
N ILE B 164 -3.83 -31.82 -15.17
CA ILE B 164 -4.02 -30.72 -14.20
C ILE B 164 -2.71 -29.93 -14.14
N THR B 165 -2.84 -28.59 -14.17
CA THR B 165 -1.68 -27.74 -13.88
C THR B 165 -1.97 -27.01 -12.58
N GLU B 166 -1.12 -27.24 -11.57
CA GLU B 166 -1.40 -26.77 -10.23
C GLU B 166 -0.39 -25.70 -9.81
N GLU B 167 -0.95 -24.56 -9.36
CA GLU B 167 -0.20 -23.36 -9.00
C GLU B 167 0.59 -23.49 -7.68
N THR B 168 0.03 -24.19 -6.68
CA THR B 168 0.47 -23.98 -5.33
C THR B 168 1.21 -25.13 -4.65
N THR B 169 2.06 -24.79 -3.69
CA THR B 169 2.75 -25.89 -3.02
CA THR B 169 2.76 -25.70 -2.83
C THR B 169 1.72 -26.68 -2.21
N THR B 170 0.67 -26.04 -1.65
CA THR B 170 -0.39 -26.77 -0.97
C THR B 170 -1.07 -27.79 -1.89
N GLY B 171 -1.49 -27.31 -3.04
CA GLY B 171 -2.14 -28.17 -4.01
C GLY B 171 -1.27 -29.31 -4.51
N VAL B 172 0.02 -29.04 -4.71
CA VAL B 172 0.95 -30.09 -5.10
C VAL B 172 1.06 -31.17 -4.03
N HIS B 173 1.11 -30.75 -2.78
CA HIS B 173 1.15 -31.73 -1.68
C HIS B 173 -0.07 -32.66 -1.77
N ARG B 174 -1.23 -32.08 -2.05
CA ARG B 174 -2.50 -32.83 -2.16
C ARG B 174 -2.41 -33.79 -3.35
N LEU B 175 -1.85 -33.35 -4.46
CA LEU B 175 -1.64 -34.23 -5.63
C LEU B 175 -0.70 -35.39 -5.36
N LEU B 176 0.40 -35.09 -4.68
CA LEU B 176 1.34 -36.14 -4.31
C LEU B 176 0.75 -37.16 -3.34
N ASP B 177 -0.12 -36.75 -2.44
CA ASP B 177 -0.83 -37.69 -1.52
C ASP B 177 -1.71 -38.62 -2.38
N MET B 178 -2.40 -38.05 -3.37
CA MET B 178 -3.27 -38.86 -4.22
CA MET B 178 -3.28 -38.84 -4.26
C MET B 178 -2.46 -39.84 -5.05
N LEU B 179 -1.35 -39.38 -5.60
CA LEU B 179 -0.49 -40.26 -6.38
C LEU B 179 0.02 -41.45 -5.56
N LYS B 180 0.46 -41.15 -4.36
CA LYS B 180 0.96 -42.15 -3.44
C LYS B 180 -0.13 -43.17 -3.08
N ASN B 181 -1.36 -42.67 -2.95
CA ASN B 181 -2.49 -43.59 -2.59
C ASN B 181 -3.15 -44.27 -3.82
N GLY B 182 -2.68 -43.96 -5.04
CA GLY B 182 -3.25 -44.51 -6.24
C GLY B 182 -4.62 -43.98 -6.62
N THR B 183 -4.97 -42.77 -6.12
CA THR B 183 -6.26 -42.15 -6.38
C THR B 183 -6.21 -41.01 -7.40
N LEU B 184 -5.00 -40.58 -7.79
CA LEU B 184 -4.87 -39.54 -8.83
C LEU B 184 -5.22 -40.13 -10.18
N LYS B 185 -6.14 -39.48 -10.89
CA LYS B 185 -6.68 -40.05 -12.15
C LYS B 185 -6.07 -39.50 -13.40
N VAL B 186 -5.42 -38.34 -13.35
CA VAL B 186 -4.82 -37.71 -14.50
C VAL B 186 -3.48 -37.14 -14.10
N PRO B 187 -2.55 -37.01 -15.05
CA PRO B 187 -1.23 -36.44 -14.72
C PRO B 187 -1.30 -34.97 -14.40
N ALA B 188 -0.26 -34.50 -13.73
CA ALA B 188 -0.20 -33.09 -13.33
C ALA B 188 1.17 -32.50 -13.54
N ILE B 189 1.17 -31.18 -13.76
CA ILE B 189 2.39 -30.41 -13.65
C ILE B 189 2.32 -29.55 -12.40
N ASN B 190 3.41 -29.67 -11.63
CA ASN B 190 3.71 -28.81 -10.50
C ASN B 190 4.35 -27.53 -11.02
N VAL B 191 3.48 -26.52 -11.20
CA VAL B 191 3.91 -25.21 -11.69
C VAL B 191 4.72 -24.47 -10.62
N ASN B 192 4.39 -24.71 -9.36
CA ASN B 192 5.07 -24.04 -8.28
C ASN B 192 6.56 -24.18 -8.33
N ASP B 193 7.05 -25.37 -8.68
CA ASP B 193 8.47 -25.62 -8.58
C ASP B 193 9.35 -25.13 -9.73
N SER B 194 8.77 -24.44 -10.72
CA SER B 194 9.62 -23.59 -11.57
C SER B 194 10.28 -22.53 -10.70
N VAL B 195 11.53 -22.18 -10.97
CA VAL B 195 12.19 -21.13 -10.22
C VAL B 195 11.50 -19.78 -10.43
N THR B 196 11.02 -19.57 -11.67
CA THR B 196 10.29 -18.36 -12.05
C THR B 196 8.84 -18.34 -11.47
N LYS B 197 8.47 -19.37 -10.69
CA LYS B 197 7.26 -19.37 -9.88
C LYS B 197 7.72 -19.28 -8.41
N SER B 198 8.15 -20.37 -7.78
CA SER B 198 8.47 -20.43 -6.35
C SER B 198 9.45 -19.38 -5.86
N LYS B 199 10.47 -19.05 -6.62
CA LYS B 199 11.50 -18.09 -6.16
CA LYS B 199 11.48 -18.08 -6.10
C LYS B 199 11.33 -16.72 -6.72
N ASN B 200 10.13 -16.48 -7.25
CA ASN B 200 9.72 -15.20 -7.80
C ASN B 200 8.40 -14.79 -7.06
N ASP B 201 7.30 -15.39 -7.47
CA ASP B 201 5.99 -15.21 -6.91
C ASP B 201 6.00 -15.40 -5.39
N ASN B 202 6.44 -16.56 -4.90
CA ASN B 202 6.16 -16.84 -3.50
C ASN B 202 6.91 -15.87 -2.59
N LYS B 203 8.11 -15.51 -2.98
CA LYS B 203 8.97 -14.60 -2.23
C LYS B 203 8.68 -13.14 -2.55
N TYR B 204 8.96 -12.71 -3.78
CA TYR B 204 8.86 -11.29 -4.09
C TYR B 204 7.43 -10.79 -4.19
N GLY B 205 6.50 -11.65 -4.54
CA GLY B 205 5.11 -11.25 -4.53
C GLY B 205 4.61 -10.89 -3.16
N CYS B 206 4.97 -11.71 -2.16
CA CYS B 206 4.59 -11.38 -0.79
C CYS B 206 5.33 -10.17 -0.26
N ARG B 207 6.58 -10.00 -0.68
CA ARG B 207 7.32 -8.79 -0.34
C ARG B 207 6.55 -7.55 -0.78
N HIS B 208 6.04 -7.54 -2.01
CA HIS B 208 5.25 -6.43 -2.53
C HIS B 208 3.93 -6.27 -1.83
N SER B 209 3.20 -7.35 -1.64
CA SER B 209 1.79 -7.32 -1.33
C SER B 209 1.39 -7.43 0.14
N LEU B 210 2.27 -7.94 1.00
CA LEU B 210 1.90 -8.06 2.42
C LEU B 210 1.76 -6.68 3.08
N ASN B 211 2.83 -5.87 3.00
CA ASN B 211 2.73 -4.53 3.59
CA ASN B 211 2.74 -4.50 3.58
C ASN B 211 1.62 -3.70 2.91
N ASP B 212 1.38 -3.96 1.61
CA ASP B 212 0.30 -3.28 0.89
C ASP B 212 -1.05 -3.53 1.55
N ALA B 213 -1.32 -4.84 1.76
CA ALA B 213 -2.59 -5.25 2.35
C ALA B 213 -2.77 -4.70 3.78
N ILE B 214 -1.69 -4.75 4.57
CA ILE B 214 -1.82 -4.25 5.94
C ILE B 214 -2.10 -2.73 5.95
N LYS B 215 -1.42 -2.00 5.07
CA LYS B 215 -1.70 -0.57 4.96
C LYS B 215 -3.11 -0.30 4.51
N ARG B 216 -3.59 -1.00 3.49
CA ARG B 216 -4.94 -0.76 3.03
C ARG B 216 -5.97 -1.08 4.10
N GLY B 217 -5.77 -2.16 4.84
CA GLY B 217 -6.76 -2.55 5.84
C GLY B 217 -6.78 -1.67 7.06
N THR B 218 -5.60 -1.27 7.51
CA THR B 218 -5.46 -0.58 8.80
C THR B 218 -4.94 0.83 8.74
N ASP B 219 -4.20 1.16 7.71
CA ASP B 219 -3.45 2.39 7.64
C ASP B 219 -2.50 2.60 8.81
N HIS B 220 -2.04 1.50 9.40
CA HIS B 220 -1.08 1.60 10.51
C HIS B 220 0.32 1.89 10.04
N LEU B 221 0.99 2.81 10.77
CA LEU B 221 2.45 2.88 10.68
C LEU B 221 3.02 1.50 11.08
N LEU B 222 3.99 1.03 10.28
CA LEU B 222 4.67 -0.22 10.58
C LEU B 222 6.03 0.03 11.23
N SER B 223 6.73 1.09 10.81
CA SER B 223 8.04 1.42 11.31
CA SER B 223 8.05 1.32 11.30
C SER B 223 8.05 1.44 12.83
N GLY B 224 9.04 0.79 13.45
CA GLY B 224 9.26 0.87 14.87
C GLY B 224 8.45 -0.10 15.71
N LYS B 225 7.53 -0.84 15.04
CA LYS B 225 6.66 -1.80 15.72
C LYS B 225 7.22 -3.21 15.60
N GLN B 226 6.72 -4.10 16.46
CA GLN B 226 7.21 -5.45 16.56
CA GLN B 226 7.23 -5.45 16.57
C GLN B 226 6.31 -6.44 15.79
N ALA B 227 6.92 -7.24 14.94
CA ALA B 227 6.24 -8.28 14.20
C ALA B 227 6.78 -9.65 14.50
N LEU B 228 5.91 -10.66 14.37
CA LEU B 228 6.28 -12.08 14.44
C LEU B 228 5.77 -12.73 13.16
N VAL B 229 6.70 -13.28 12.37
CA VAL B 229 6.37 -14.03 11.15
C VAL B 229 6.58 -15.50 11.47
N ILE B 230 5.47 -16.26 11.31
CA ILE B 230 5.51 -17.69 11.56
C ILE B 230 5.79 -18.39 10.23
N GLY B 231 7.01 -18.95 10.12
CA GLY B 231 7.51 -19.59 8.90
C GLY B 231 8.56 -18.75 8.20
N TYR B 232 9.46 -19.45 7.51
CA TYR B 232 10.57 -18.84 6.80
C TYR B 232 10.93 -19.67 5.56
N GLY B 233 9.88 -20.20 4.91
CA GLY B 233 10.00 -20.71 3.60
C GLY B 233 9.98 -19.57 2.58
N ASP B 234 9.52 -19.80 1.35
CA ASP B 234 9.55 -18.72 0.36
C ASP B 234 8.64 -17.56 0.77
N VAL B 235 7.42 -17.88 1.21
CA VAL B 235 6.49 -16.85 1.64
C VAL B 235 6.97 -16.13 2.90
N GLY B 236 7.49 -16.88 3.87
CA GLY B 236 7.98 -16.25 5.08
C GLY B 236 9.20 -15.38 4.82
N LYS B 237 10.06 -15.75 3.88
CA LYS B 237 11.18 -14.91 3.49
C LYS B 237 10.69 -13.59 2.94
N GLY B 238 9.77 -13.66 1.98
CA GLY B 238 9.21 -12.45 1.34
C GLY B 238 8.44 -11.57 2.30
N SER B 239 7.67 -12.21 3.17
CA SER B 239 6.86 -11.51 4.16
C SER B 239 7.72 -10.79 5.17
N SER B 240 8.74 -11.48 5.66
CA SER B 240 9.66 -10.87 6.61
C SER B 240 10.33 -9.63 6.02
N GLN B 241 10.74 -9.72 4.73
CA GLN B 241 11.30 -8.59 4.03
C GLN B 241 10.30 -7.45 3.86
N SER B 242 9.05 -7.79 3.54
CA SER B 242 7.99 -6.78 3.37
C SER B 242 7.89 -5.89 4.61
N LEU B 243 8.00 -6.54 5.77
CA LEU B 243 7.85 -5.84 7.03
C LEU B 243 9.17 -5.15 7.50
N ARG B 244 10.30 -5.84 7.36
N ARG B 244 10.29 -5.85 7.39
CA ARG B 244 11.57 -5.25 7.75
CA ARG B 244 11.52 -5.24 7.80
C ARG B 244 11.92 -4.01 6.93
C ARG B 244 11.85 -4.01 6.96
N GLN B 245 11.59 -4.05 5.64
CA GLN B 245 11.95 -2.90 4.79
C GLN B 245 11.16 -1.65 5.16
N GLU B 246 9.99 -1.84 5.79
CA GLU B 246 9.17 -0.75 6.34
C GLU B 246 9.64 -0.25 7.69
N GLY B 247 10.63 -0.90 8.29
CA GLY B 247 11.13 -0.55 9.60
C GLY B 247 10.56 -1.34 10.75
N MET B 248 9.85 -2.42 10.47
CA MET B 248 9.43 -3.25 11.60
C MET B 248 10.62 -3.95 12.23
N ILE B 249 10.48 -4.28 13.53
CA ILE B 249 11.39 -5.16 14.21
C ILE B 249 10.78 -6.55 14.12
N VAL B 250 11.36 -7.40 13.24
CA VAL B 250 10.76 -8.67 12.88
C VAL B 250 11.46 -9.83 13.60
N LYS B 251 10.66 -10.67 14.25
CA LYS B 251 11.11 -11.95 14.77
C LYS B 251 10.47 -13.04 13.90
N VAL B 252 11.17 -14.19 13.81
CA VAL B 252 10.76 -15.30 12.92
C VAL B 252 10.70 -16.59 13.71
N ALA B 253 9.62 -17.34 13.51
CA ALA B 253 9.49 -18.72 14.02
C ALA B 253 9.62 -19.72 12.90
N GLU B 254 10.17 -20.90 13.24
CA GLU B 254 10.36 -21.98 12.25
C GLU B 254 10.40 -23.29 13.00
N VAL B 255 10.00 -24.33 12.28
CA VAL B 255 10.26 -25.74 12.68
C VAL B 255 11.46 -26.33 11.94
N ASP B 256 11.85 -25.73 10.82
CA ASP B 256 12.93 -26.31 10.02
C ASP B 256 14.23 -25.57 10.34
N PRO B 257 15.19 -26.25 10.96
CA PRO B 257 16.43 -25.55 11.34
C PRO B 257 17.20 -24.93 10.19
N ILE B 258 17.11 -25.48 8.98
CA ILE B 258 17.81 -24.86 7.86
C ILE B 258 17.19 -23.51 7.50
N CYS B 259 15.85 -23.47 7.45
CA CYS B 259 15.20 -22.17 7.22
C CYS B 259 15.46 -21.22 8.39
N ALA B 260 15.49 -21.72 9.63
CA ALA B 260 15.80 -20.86 10.76
C ALA B 260 17.22 -20.29 10.65
N MET B 261 18.19 -21.11 10.20
CA MET B 261 19.58 -20.65 9.97
CA MET B 261 19.55 -20.62 9.99
C MET B 261 19.57 -19.45 9.01
N GLN B 262 18.82 -19.58 7.92
CA GLN B 262 18.69 -18.52 6.94
C GLN B 262 18.15 -17.25 7.60
N ALA B 263 17.12 -17.40 8.43
CA ALA B 263 16.55 -16.24 9.12
C ALA B 263 17.59 -15.50 9.97
N CYS B 264 18.37 -16.27 10.74
CA CYS B 264 19.43 -15.72 11.57
C CYS B 264 20.43 -14.94 10.70
N MET B 265 20.91 -15.59 9.63
CA MET B 265 21.91 -14.97 8.76
C MET B 265 21.36 -13.74 8.01
N ASP B 266 20.04 -13.74 7.81
CA ASP B 266 19.37 -12.63 7.18
C ASP B 266 19.11 -11.46 8.14
N GLY B 267 19.47 -11.65 9.40
CA GLY B 267 19.38 -10.59 10.40
C GLY B 267 18.14 -10.54 11.26
N PHE B 268 17.45 -11.68 11.38
CA PHE B 268 16.27 -11.77 12.22
C PHE B 268 16.60 -12.58 13.48
N GLU B 269 15.91 -12.26 14.56
CA GLU B 269 15.91 -13.05 15.78
C GLU B 269 14.86 -14.17 15.61
N VAL B 270 15.30 -15.42 15.88
CA VAL B 270 14.49 -16.62 15.72
C VAL B 270 13.93 -17.01 17.10
N VAL B 271 12.60 -17.00 17.22
CA VAL B 271 11.92 -17.23 18.50
C VAL B 271 10.81 -18.24 18.27
N SER B 272 10.30 -18.82 19.36
CA SER B 272 9.14 -19.68 19.32
C SER B 272 8.04 -19.05 20.19
N PRO B 273 6.76 -19.22 19.75
CA PRO B 273 5.67 -18.85 20.67
C PRO B 273 5.61 -19.65 21.97
N TYR B 274 6.25 -20.81 21.96
CA TYR B 274 6.23 -21.73 23.11
C TYR B 274 7.58 -21.74 23.81
N LYS B 275 7.53 -21.93 25.10
CA LYS B 275 8.74 -22.04 25.93
C LYS B 275 9.55 -23.27 25.47
N ASN B 276 10.80 -23.01 25.11
CA ASN B 276 11.71 -24.02 24.58
C ASN B 276 11.22 -24.68 23.29
N GLY B 277 10.28 -24.00 22.59
CA GLY B 277 9.71 -24.54 21.37
C GLY B 277 8.70 -25.67 21.52
N ILE B 278 8.31 -26.01 22.77
N ILE B 278 8.29 -25.99 22.76
CA ILE B 278 7.48 -27.19 23.02
CA ILE B 278 7.50 -27.17 22.98
C ILE B 278 5.99 -26.78 23.18
C ILE B 278 6.07 -26.72 23.28
N ASN B 279 5.23 -27.19 22.17
N ASN B 279 5.13 -27.05 22.41
CA ASN B 279 3.81 -26.91 21.95
CA ASN B 279 3.74 -26.76 22.72
C ASN B 279 2.98 -28.11 22.45
C ASN B 279 3.18 -27.97 23.47
N ASP B 280 2.74 -28.14 23.77
N ASP B 280 2.97 -27.76 24.76
CA ASP B 280 2.05 -29.25 24.50
CA ASP B 280 2.17 -28.67 25.57
C ASP B 280 0.56 -28.98 24.96
C ASP B 280 0.72 -28.88 25.03
N GLY B 281 0.13 -27.80 24.53
CA GLY B 281 -1.34 -27.58 24.46
C GLY B 281 -1.88 -26.75 25.63
N THR B 282 -1.04 -26.45 26.61
CA THR B 282 -1.37 -25.73 27.83
C THR B 282 -1.04 -24.25 27.70
N GLU B 283 -1.73 -23.42 28.45
CA GLU B 283 -1.42 -21.99 28.50
CA GLU B 283 -1.40 -21.99 28.48
C GLU B 283 -0.03 -21.77 29.07
N ALA B 284 0.39 -22.65 29.98
CA ALA B 284 1.69 -22.52 30.60
C ALA B 284 2.84 -22.60 29.61
N SER B 285 2.65 -23.27 28.51
CA SER B 285 3.69 -23.41 27.50
C SER B 285 3.87 -22.15 26.64
N ILE B 286 2.91 -21.21 26.71
CA ILE B 286 3.04 -20.00 25.86
C ILE B 286 4.05 -19.02 26.46
N ASP B 287 4.93 -18.50 25.61
CA ASP B 287 5.81 -17.42 26.00
C ASP B 287 5.02 -16.11 26.00
N ALA B 288 4.31 -15.88 27.11
CA ALA B 288 3.47 -14.68 27.27
C ALA B 288 4.22 -13.36 27.19
N ALA B 289 5.46 -13.32 27.72
CA ALA B 289 6.25 -12.13 27.63
C ALA B 289 6.53 -11.76 26.17
N LEU B 290 6.87 -12.76 25.36
CA LEU B 290 7.16 -12.52 23.94
C LEU B 290 5.89 -12.02 23.23
N LEU B 291 4.80 -12.78 23.37
CA LEU B 291 3.60 -12.48 22.63
C LEU B 291 2.95 -11.17 23.05
N GLY B 292 3.15 -10.80 24.31
CA GLY B 292 2.66 -9.56 24.84
C GLY B 292 3.31 -8.29 24.31
N LYS B 293 4.37 -8.45 23.54
CA LYS B 293 5.10 -7.33 22.90
C LYS B 293 4.86 -7.27 21.40
N ILE B 294 4.13 -8.22 20.82
CA ILE B 294 3.95 -8.29 19.36
C ILE B 294 2.76 -7.47 18.85
N ASP B 295 3.04 -6.55 17.92
CA ASP B 295 2.04 -5.73 17.28
C ASP B 295 1.37 -6.31 16.05
N LEU B 296 2.03 -7.30 15.44
CA LEU B 296 1.55 -7.89 14.17
C LEU B 296 2.08 -9.32 14.13
N ILE B 297 1.17 -10.27 13.89
CA ILE B 297 1.53 -11.64 13.59
C ILE B 297 1.05 -12.01 12.21
N VAL B 298 1.95 -12.67 11.44
CA VAL B 298 1.64 -13.10 10.08
CA VAL B 298 1.62 -13.11 10.08
C VAL B 298 2.01 -14.60 9.97
N THR B 299 1.04 -15.42 9.54
CA THR B 299 1.31 -16.83 9.28
C THR B 299 1.61 -17.12 7.80
N THR B 300 2.62 -17.96 7.56
CA THR B 300 3.17 -18.18 6.22
C THR B 300 3.44 -19.67 5.90
N THR B 301 2.85 -20.58 6.67
CA THR B 301 3.35 -21.93 6.74
C THR B 301 2.77 -22.95 5.79
N GLY B 302 1.51 -22.79 5.40
CA GLY B 302 0.80 -23.91 4.76
C GLY B 302 0.44 -25.03 5.73
N ASN B 303 0.60 -24.82 7.01
CA ASN B 303 0.32 -25.80 8.08
C ASN B 303 -0.95 -25.38 8.84
N VAL B 304 -1.30 -26.16 9.85
CA VAL B 304 -2.54 -25.99 10.60
C VAL B 304 -2.25 -25.49 12.03
N ASN B 305 -3.01 -24.50 12.45
CA ASN B 305 -3.03 -24.04 13.81
CA ASN B 305 -3.03 -24.04 13.83
C ASN B 305 -1.65 -23.60 14.34
N VAL B 306 -1.01 -22.78 13.53
CA VAL B 306 0.30 -22.21 13.88
C VAL B 306 0.20 -20.86 14.61
N CYS B 307 -1.02 -20.28 14.58
CA CYS B 307 -1.37 -19.19 15.50
C CYS B 307 -2.64 -19.66 16.25
N ASP B 308 -2.36 -20.31 17.37
CA ASP B 308 -3.40 -21.07 18.06
C ASP B 308 -4.12 -20.23 19.11
N ALA B 309 -5.15 -20.82 19.70
CA ALA B 309 -6.01 -20.11 20.67
C ALA B 309 -5.22 -19.49 21.83
N ASN B 310 -4.30 -20.27 22.40
CA ASN B 310 -3.52 -19.73 23.50
C ASN B 310 -2.58 -18.59 23.10
N MET B 311 -2.05 -18.66 21.88
CA MET B 311 -1.30 -17.53 21.34
C MET B 311 -2.18 -16.29 21.20
N LEU B 312 -3.37 -16.48 20.62
CA LEU B 312 -4.30 -15.36 20.46
C LEU B 312 -4.67 -14.68 21.78
N LYS B 313 -4.83 -15.51 22.84
CA LYS B 313 -5.14 -14.96 24.14
C LYS B 313 -3.98 -14.13 24.74
N ALA B 314 -2.75 -14.47 24.34
CA ALA B 314 -1.56 -13.86 24.91
C ALA B 314 -1.07 -12.64 24.13
N LEU B 315 -1.55 -12.43 22.90
CA LEU B 315 -1.05 -11.32 22.10
C LEU B 315 -1.33 -9.99 22.80
N LYS B 316 -0.40 -9.06 22.56
CA LYS B 316 -0.60 -7.65 22.96
C LYS B 316 -1.96 -7.12 22.48
N LYS B 317 -2.59 -6.33 23.36
CA LYS B 317 -3.80 -5.64 22.96
CA LYS B 317 -3.81 -5.65 22.96
C LYS B 317 -3.56 -4.87 21.66
N ARG B 318 -4.53 -4.97 20.77
CA ARG B 318 -4.64 -4.21 19.52
C ARG B 318 -3.66 -4.72 18.48
N ALA B 319 -3.06 -5.88 18.70
CA ALA B 319 -2.26 -6.52 17.66
C ALA B 319 -3.10 -6.82 16.41
N VAL B 320 -2.43 -6.75 15.26
CA VAL B 320 -3.00 -7.20 13.98
C VAL B 320 -2.59 -8.67 13.76
N VAL B 321 -3.56 -9.46 13.31
CA VAL B 321 -3.39 -10.90 13.06
C VAL B 321 -3.78 -11.11 11.59
N CYS B 322 -2.91 -11.80 10.84
CA CYS B 322 -3.23 -12.12 9.45
C CYS B 322 -2.48 -13.36 8.99
N ASN B 323 -2.96 -13.88 7.86
CA ASN B 323 -2.48 -15.10 7.26
C ASN B 323 -2.23 -14.84 5.80
N ILE B 324 -1.05 -15.25 5.29
CA ILE B 324 -0.74 -15.17 3.86
C ILE B 324 -0.50 -16.53 3.25
N GLY B 325 -0.64 -17.60 4.04
CA GLY B 325 -0.66 -18.96 3.46
C GLY B 325 -1.96 -19.23 2.68
N HIS B 326 -2.05 -20.28 1.91
CA HIS B 326 -3.25 -20.50 1.09
C HIS B 326 -4.58 -20.64 1.82
N PHE B 327 -4.60 -21.35 2.96
CA PHE B 327 -5.86 -21.63 3.64
C PHE B 327 -5.90 -21.00 5.00
N ASP B 328 -7.12 -20.59 5.42
N ASP B 328 -7.15 -20.64 5.42
CA ASP B 328 -7.30 -19.88 6.72
CA ASP B 328 -7.38 -19.95 6.70
C ASP B 328 -6.98 -20.66 7.98
C ASP B 328 -7.40 -20.80 7.94
N ASN B 329 -6.97 -21.98 7.91
N ASN B 329 -6.84 -22.00 7.90
N ASN B 329 -6.97 -21.93 7.95
CA ASN B 329 -6.76 -22.80 9.12
CA ASN B 329 -6.73 -22.81 9.11
CA ASN B 329 -6.76 -22.70 9.15
C ASN B 329 -5.39 -22.63 9.82
C ASN B 329 -5.38 -22.66 9.80
C ASN B 329 -5.40 -22.60 9.83
N GLU B 330 -4.52 -21.78 9.27
CA GLU B 330 -3.27 -21.44 9.95
C GLU B 330 -3.53 -20.74 11.30
N ILE B 331 -4.60 -19.93 11.33
CA ILE B 331 -5.02 -19.21 12.55
C ILE B 331 -6.27 -19.88 13.08
N ASP B 332 -6.38 -20.04 14.41
CA ASP B 332 -7.61 -20.63 14.99
C ASP B 332 -8.73 -19.59 15.04
N THR B 333 -9.25 -19.27 13.87
CA THR B 333 -10.38 -18.36 13.79
C THR B 333 -11.65 -18.99 14.32
N ALA B 334 -11.78 -20.33 14.31
CA ALA B 334 -12.97 -20.98 14.87
C ALA B 334 -13.05 -20.67 16.37
N PHE B 335 -11.91 -20.74 17.07
CA PHE B 335 -11.90 -20.36 18.50
C PHE B 335 -12.42 -18.92 18.69
N MET B 336 -11.98 -18.00 17.82
CA MET B 336 -12.38 -16.63 17.95
CA MET B 336 -12.37 -16.64 17.95
C MET B 336 -13.88 -16.45 17.67
N ARG B 337 -14.41 -17.18 16.67
CA ARG B 337 -15.82 -17.14 16.39
C ARG B 337 -16.68 -17.66 17.56
N LYS B 338 -16.19 -18.68 18.23
N LYS B 338 -16.20 -18.69 18.23
CA LYS B 338 -16.94 -19.30 19.33
CA LYS B 338 -16.97 -19.28 19.33
C LYS B 338 -16.93 -18.44 20.60
C LYS B 338 -16.93 -18.44 20.61
N ASN B 339 -15.86 -17.67 20.81
CA ASN B 339 -15.60 -17.06 22.12
C ASN B 339 -15.68 -15.55 22.20
N TRP B 340 -15.39 -14.86 21.11
CA TRP B 340 -15.15 -13.44 21.14
C TRP B 340 -16.09 -12.73 20.14
N ALA B 341 -16.40 -11.48 20.40
CA ALA B 341 -17.33 -10.69 19.57
C ALA B 341 -16.54 -10.05 18.42
N TRP B 342 -17.14 -10.10 17.24
CA TRP B 342 -16.53 -9.52 16.03
C TRP B 342 -17.23 -8.23 15.67
N GLU B 343 -16.47 -7.14 15.67
CA GLU B 343 -16.94 -5.81 15.23
C GLU B 343 -16.33 -5.55 13.87
N GLU B 344 -17.17 -5.50 12.83
CA GLU B 344 -16.65 -5.22 11.50
C GLU B 344 -16.32 -3.73 11.41
N VAL B 345 -15.07 -3.45 11.01
CA VAL B 345 -14.65 -2.06 10.74
C VAL B 345 -15.08 -1.66 9.34
N LYS B 346 -14.73 -2.50 8.39
CA LYS B 346 -15.06 -2.38 6.98
C LYS B 346 -14.83 -3.78 6.41
N PRO B 347 -15.21 -4.04 5.14
CA PRO B 347 -15.01 -5.40 4.63
C PRO B 347 -13.54 -5.87 4.82
N GLN B 348 -13.40 -7.10 5.27
CA GLN B 348 -12.09 -7.72 5.46
C GLN B 348 -11.29 -7.12 6.62
N VAL B 349 -11.95 -6.36 7.50
CA VAL B 349 -11.27 -5.84 8.69
C VAL B 349 -12.21 -5.96 9.87
N HIS B 350 -11.83 -6.80 10.84
CA HIS B 350 -12.66 -7.00 12.04
C HIS B 350 -11.84 -6.77 13.31
N LYS B 351 -12.45 -6.07 14.28
CA LYS B 351 -11.94 -6.05 15.65
C LYS B 351 -12.56 -7.25 16.34
N ILE B 352 -11.69 -8.04 16.97
CA ILE B 352 -12.09 -9.20 17.70
C ILE B 352 -11.93 -8.91 19.18
N HIS B 353 -13.08 -8.76 19.86
CA HIS B 353 -13.12 -8.27 21.23
C HIS B 353 -12.95 -9.45 22.19
N ARG B 354 -11.85 -9.41 22.96
CA ARG B 354 -11.51 -10.52 23.83
C ARG B 354 -12.24 -10.50 25.18
N THR B 355 -13.13 -9.56 25.32
CA THR B 355 -13.99 -9.40 26.48
C THR B 355 -15.10 -10.46 26.61
N GLY B 356 -15.42 -11.15 25.52
CA GLY B 356 -16.47 -12.13 25.49
C GLY B 356 -17.25 -12.04 24.20
N LYS B 357 -18.36 -12.80 24.15
CA LYS B 357 -19.14 -12.89 22.89
C LYS B 357 -20.47 -12.16 22.93
N ASP B 358 -20.84 -11.60 24.06
CA ASP B 358 -22.23 -11.05 24.24
C ASP B 358 -22.27 -9.57 23.86
N GLY B 359 -22.20 -9.31 22.57
CA GLY B 359 -22.05 -7.92 22.14
C GLY B 359 -20.65 -7.42 22.39
N PHE B 360 -20.43 -6.16 22.07
CA PHE B 360 -19.13 -5.53 22.28
C PHE B 360 -19.30 -4.06 22.64
N ASP B 361 -18.23 -3.56 23.28
CA ASP B 361 -18.10 -2.15 23.62
C ASP B 361 -17.23 -1.50 22.53
N ALA B 362 -17.80 -0.57 21.79
CA ALA B 362 -17.09 0.13 20.71
C ALA B 362 -15.78 0.79 21.17
N HIS B 363 -15.68 1.13 22.47
CA HIS B 363 -14.50 1.73 23.03
C HIS B 363 -13.59 0.81 23.85
N ASN B 364 -13.87 -0.48 23.79
CA ASN B 364 -13.02 -1.47 24.47
C ASN B 364 -11.59 -1.42 23.90
N ASP B 365 -10.59 -1.50 24.78
CA ASP B 365 -9.22 -1.50 24.34
C ASP B 365 -8.65 -2.89 24.10
N ASP B 366 -9.37 -3.93 24.51
CA ASP B 366 -8.85 -5.31 24.48
C ASP B 366 -9.41 -6.08 23.30
N TYR B 367 -8.83 -5.79 22.15
CA TYR B 367 -9.24 -6.43 20.93
C TYR B 367 -7.99 -6.75 20.10
N LEU B 368 -8.19 -7.61 19.11
CA LEU B 368 -7.22 -7.87 18.04
C LEU B 368 -7.84 -7.39 16.70
N ILE B 369 -7.02 -6.99 15.75
CA ILE B 369 -7.55 -6.69 14.43
C ILE B 369 -7.20 -7.85 13.50
N LEU B 370 -8.23 -8.53 13.01
CA LEU B 370 -8.09 -9.66 12.08
C LEU B 370 -8.36 -9.15 10.69
N LEU B 371 -7.43 -9.48 9.76
CA LEU B 371 -7.60 -9.13 8.38
C LEU B 371 -8.09 -10.31 7.57
N ALA B 372 -9.02 -10.01 6.64
CA ALA B 372 -9.56 -10.97 5.66
C ALA B 372 -10.17 -12.21 6.32
N GLU B 373 -10.65 -12.08 7.56
CA GLU B 373 -11.19 -13.23 8.30
C GLU B 373 -10.21 -14.40 8.33
N GLY B 374 -8.89 -14.07 8.31
CA GLY B 374 -7.88 -15.14 8.30
C GLY B 374 -7.55 -15.76 6.97
N ARG B 375 -8.24 -15.34 5.92
CA ARG B 375 -7.95 -15.81 4.57
C ARG B 375 -6.75 -15.02 3.99
N LEU B 376 -6.20 -15.48 2.87
CA LEU B 376 -4.96 -14.91 2.35
C LEU B 376 -5.08 -13.40 2.30
N VAL B 377 -4.19 -12.72 3.03
CA VAL B 377 -4.39 -11.28 3.33
C VAL B 377 -4.05 -10.41 2.13
N ASN B 378 -3.02 -10.79 1.37
CA ASN B 378 -2.64 -9.97 0.23
C ASN B 378 -3.71 -9.80 -0.79
N LEU B 379 -4.40 -10.90 -1.07
CA LEU B 379 -5.54 -10.90 -2.02
C LEU B 379 -6.80 -10.39 -1.39
N GLY B 380 -6.96 -10.62 -0.06
CA GLY B 380 -8.20 -10.22 0.61
C GLY B 380 -8.32 -8.74 0.88
N ASN B 381 -7.20 -8.14 1.31
CA ASN B 381 -7.14 -6.73 1.71
C ASN B 381 -6.48 -5.83 0.68
N ALA B 382 -5.82 -6.40 -0.34
CA ALA B 382 -5.23 -5.60 -1.43
C ALA B 382 -5.55 -6.30 -2.75
N THR B 383 -4.59 -6.42 -3.65
CA THR B 383 -4.86 -7.00 -4.96
C THR B 383 -3.87 -8.14 -5.25
N GLY B 384 -3.33 -8.76 -4.20
CA GLY B 384 -2.38 -9.82 -4.40
C GLY B 384 -1.10 -9.35 -5.08
N HIS B 385 -0.41 -10.27 -5.73
CA HIS B 385 0.86 -9.98 -6.34
C HIS B 385 0.68 -9.11 -7.55
N PRO B 386 1.73 -8.31 -7.89
CA PRO B 386 1.64 -7.42 -9.02
C PRO B 386 1.81 -8.19 -10.35
N SER B 387 1.28 -7.58 -11.42
CA SER B 387 1.36 -8.19 -12.76
C SER B 387 2.76 -8.64 -13.17
N ARG B 388 3.77 -7.80 -12.90
CA ARG B 388 5.10 -8.18 -13.42
C ARG B 388 5.68 -9.43 -12.75
N ILE B 389 5.24 -9.71 -11.52
CA ILE B 389 5.60 -10.96 -10.84
C ILE B 389 4.74 -12.12 -11.32
N MET B 390 3.42 -11.93 -11.39
CA MET B 390 2.53 -13.02 -11.86
C MET B 390 2.79 -13.44 -13.29
N ASP B 391 3.46 -12.57 -14.05
CA ASP B 391 3.92 -12.90 -15.41
C ASP B 391 4.70 -14.22 -15.38
N GLY B 392 5.60 -14.39 -14.42
CA GLY B 392 6.38 -15.61 -14.37
C GLY B 392 5.55 -16.83 -14.08
N SER B 393 4.74 -16.76 -13.03
CA SER B 393 3.90 -17.92 -12.66
C SER B 393 2.99 -18.30 -13.81
N PHE B 394 2.38 -17.31 -14.45
CA PHE B 394 1.36 -17.55 -15.46
C PHE B 394 1.92 -17.93 -16.82
N ALA B 395 3.12 -17.47 -17.16
CA ALA B 395 3.77 -18.03 -18.33
C ALA B 395 4.02 -19.52 -18.14
N ASN B 396 4.47 -19.90 -16.95
CA ASN B 396 4.62 -21.33 -16.64
C ASN B 396 3.29 -22.08 -16.76
N GLN B 397 2.20 -21.51 -16.25
CA GLN B 397 0.88 -22.13 -16.40
C GLN B 397 0.55 -22.40 -17.84
N VAL B 398 0.78 -21.41 -18.72
CA VAL B 398 0.44 -21.59 -20.13
C VAL B 398 1.30 -22.71 -20.74
N LEU B 399 2.61 -22.67 -20.45
CA LEU B 399 3.48 -23.75 -20.99
C LEU B 399 3.06 -25.14 -20.50
N ALA B 400 2.63 -25.22 -19.24
CA ALA B 400 2.19 -26.48 -18.65
C ALA B 400 0.90 -26.97 -19.31
N GLN B 401 -0.03 -26.05 -19.56
CA GLN B 401 -1.28 -26.38 -20.27
C GLN B 401 -0.97 -26.91 -21.66
N ILE B 402 -0.08 -26.25 -22.36
CA ILE B 402 0.30 -26.69 -23.70
C ILE B 402 0.88 -28.09 -23.65
N HIS B 403 1.80 -28.34 -22.71
CA HIS B 403 2.45 -29.64 -22.62
C HIS B 403 1.46 -30.78 -22.38
N LEU B 404 0.63 -30.61 -21.35
CA LEU B 404 -0.29 -31.71 -21.00
C LEU B 404 -1.39 -31.88 -22.05
N PHE B 405 -1.86 -30.79 -22.65
CA PHE B 405 -2.89 -30.89 -23.69
C PHE B 405 -2.33 -31.63 -24.89
N GLU B 406 -1.09 -31.31 -25.27
CA GLU B 406 -0.49 -31.92 -26.45
C GLU B 406 -0.21 -33.42 -26.22
N GLN B 407 0.06 -33.80 -24.97
CA GLN B 407 0.31 -35.21 -24.61
C GLN B 407 -0.96 -36.09 -24.72
N LYS B 408 -2.12 -35.47 -24.56
CA LYS B 408 -3.41 -36.18 -24.80
C LYS B 408 -3.58 -37.47 -23.98
N TYR B 409 -3.24 -37.41 -22.72
CA TYR B 409 -3.32 -38.58 -21.82
C TYR B 409 -4.68 -39.30 -21.89
N ALA B 410 -5.80 -38.58 -21.90
CA ALA B 410 -7.11 -39.22 -21.91
C ALA B 410 -7.36 -40.17 -23.07
N ASP B 411 -6.65 -39.94 -24.17
CA ASP B 411 -6.84 -40.75 -25.36
C ASP B 411 -5.89 -41.95 -25.41
N LEU B 412 -4.96 -42.03 -24.44
CA LEU B 412 -4.02 -43.13 -24.39
C LEU B 412 -4.68 -44.43 -23.91
N PRO B 413 -4.23 -45.57 -24.46
CA PRO B 413 -4.67 -46.85 -23.89
C PRO B 413 -4.22 -47.00 -22.44
N ALA B 414 -4.87 -47.89 -21.71
CA ALA B 414 -4.57 -48.07 -20.29
C ALA B 414 -3.11 -48.29 -19.96
N ALA B 415 -2.46 -49.16 -20.76
CA ALA B 415 -1.05 -49.47 -20.48
C ALA B 415 -0.14 -48.26 -20.68
N GLU B 416 -0.47 -47.41 -21.62
CA GLU B 416 0.29 -46.19 -21.89
C GLU B 416 -0.01 -45.11 -20.83
N LYS B 417 -1.26 -45.02 -20.36
CA LYS B 417 -1.59 -44.15 -19.26
C LYS B 417 -0.76 -44.48 -18.03
N ALA B 418 -0.58 -45.78 -17.74
CA ALA B 418 0.16 -46.14 -16.55
C ALA B 418 1.60 -45.56 -16.54
N LYS B 419 2.21 -45.44 -17.72
CA LYS B 419 3.59 -44.94 -17.86
C LYS B 419 3.70 -43.41 -17.71
N ARG B 420 2.59 -42.71 -17.88
CA ARG B 420 2.54 -41.26 -17.92
C ARG B 420 1.87 -40.63 -16.72
N LEU B 421 1.36 -41.45 -15.81
CA LEU B 421 0.61 -40.91 -14.68
C LEU B 421 1.62 -40.50 -13.58
N SER B 422 1.87 -39.20 -13.51
CA SER B 422 2.95 -38.65 -12.71
C SER B 422 2.63 -37.18 -12.39
N VAL B 423 3.36 -36.64 -11.41
CA VAL B 423 3.40 -35.22 -11.14
C VAL B 423 4.82 -34.75 -11.50
N GLU B 424 4.93 -33.87 -12.47
CA GLU B 424 6.22 -33.47 -13.05
C GLU B 424 6.35 -31.95 -13.01
N VAL B 425 7.58 -31.48 -13.19
CA VAL B 425 7.87 -30.06 -13.32
C VAL B 425 8.23 -29.76 -14.77
N LEU B 426 8.17 -28.50 -15.15
CA LEU B 426 8.63 -28.10 -16.45
C LEU B 426 10.16 -28.17 -16.57
N PRO B 427 10.69 -28.37 -17.80
CA PRO B 427 12.15 -28.42 -17.95
C PRO B 427 12.81 -27.06 -17.69
N LYS B 428 14.06 -27.14 -17.24
CA LYS B 428 14.82 -25.94 -16.89
C LYS B 428 14.95 -25.00 -18.08
N LYS B 429 15.09 -25.54 -19.28
CA LYS B 429 15.23 -24.66 -20.42
C LYS B 429 14.03 -23.69 -20.54
N LEU B 430 12.82 -24.19 -20.31
CA LEU B 430 11.63 -23.31 -20.37
C LEU B 430 11.61 -22.31 -19.20
N ASP B 431 12.02 -22.73 -18.02
CA ASP B 431 12.12 -21.82 -16.85
C ASP B 431 13.07 -20.64 -17.21
N GLU B 432 14.18 -20.96 -17.85
CA GLU B 432 15.15 -19.97 -18.30
C GLU B 432 14.57 -19.04 -19.35
N GLU B 433 13.79 -19.59 -20.29
CA GLU B 433 13.18 -18.76 -21.30
C GLU B 433 12.16 -17.78 -20.72
N VAL B 434 11.39 -18.24 -19.73
CA VAL B 434 10.49 -17.34 -19.03
C VAL B 434 11.32 -16.23 -18.35
N ALA B 435 12.34 -16.62 -17.62
CA ALA B 435 13.17 -15.64 -16.90
C ALA B 435 13.76 -14.61 -17.83
N LEU B 436 14.20 -15.04 -19.00
CA LEU B 436 14.79 -14.08 -19.94
C LEU B 436 13.81 -13.01 -20.35
N GLU B 437 12.57 -13.38 -20.62
CA GLU B 437 11.55 -12.39 -20.98
C GLU B 437 11.27 -11.44 -19.78
N MET B 438 11.29 -11.99 -18.58
CA MET B 438 11.11 -11.12 -17.41
C MET B 438 12.25 -10.10 -17.31
N VAL B 439 13.48 -10.57 -17.46
CA VAL B 439 14.64 -9.72 -17.37
C VAL B 439 14.60 -8.59 -18.42
N LYS B 440 14.24 -8.97 -19.67
CA LYS B 440 14.11 -7.98 -20.71
C LYS B 440 13.03 -6.93 -20.39
N GLY B 441 12.00 -7.34 -19.67
CA GLY B 441 10.98 -6.41 -19.25
C GLY B 441 11.48 -5.31 -18.33
N PHE B 442 12.51 -5.61 -17.52
CA PHE B 442 13.17 -4.62 -16.69
C PHE B 442 14.22 -3.80 -17.48
N GLY B 443 14.46 -4.13 -18.74
CA GLY B 443 15.52 -3.51 -19.47
C GLY B 443 16.84 -4.14 -19.21
N GLY B 444 16.87 -5.30 -18.53
CA GLY B 444 18.11 -6.01 -18.24
C GLY B 444 18.75 -6.62 -19.49
N VAL B 445 20.07 -6.71 -19.49
CA VAL B 445 20.83 -7.26 -20.59
C VAL B 445 21.64 -8.44 -20.07
N VAL B 446 21.29 -9.65 -20.51
CA VAL B 446 22.03 -10.86 -20.20
C VAL B 446 23.21 -11.00 -21.13
N THR B 447 24.35 -11.35 -20.58
CA THR B 447 25.57 -11.59 -21.38
C THR B 447 25.52 -12.96 -22.03
N GLN B 448 26.03 -13.06 -23.27
CA GLN B 448 26.18 -14.35 -23.91
C GLN B 448 27.59 -14.90 -23.66
N LEU B 449 27.68 -16.16 -23.23
CA LEU B 449 28.92 -16.86 -23.08
C LEU B 449 29.65 -16.93 -24.41
N THR B 450 30.98 -16.81 -24.35
CA THR B 450 31.78 -17.17 -25.53
C THR B 450 31.84 -18.70 -25.63
N PRO B 451 32.20 -19.24 -26.81
CA PRO B 451 32.38 -20.68 -26.86
C PRO B 451 33.41 -21.23 -25.86
N LYS B 452 34.52 -20.51 -25.67
CA LYS B 452 35.56 -20.93 -24.67
C LYS B 452 34.99 -20.98 -23.26
N GLN B 453 34.19 -19.96 -22.92
CA GLN B 453 33.64 -19.92 -21.57
C GLN B 453 32.60 -21.02 -21.37
N ALA B 454 31.78 -21.24 -22.39
CA ALA B 454 30.75 -22.34 -22.30
C ALA B 454 31.45 -23.69 -22.12
N GLU B 455 32.54 -23.91 -22.86
CA GLU B 455 33.35 -25.15 -22.68
C GLU B 455 33.95 -25.25 -21.26
N TYR B 456 34.42 -24.12 -20.76
CA TYR B 456 35.10 -24.07 -19.49
C TYR B 456 34.19 -24.49 -18.35
N ILE B 457 32.93 -24.02 -18.36
CA ILE B 457 31.98 -24.41 -17.31
C ILE B 457 31.06 -25.58 -17.68
N GLY B 458 31.20 -26.11 -18.89
CA GLY B 458 30.47 -27.27 -19.30
C GLY B 458 28.99 -27.09 -19.61
N VAL B 459 28.65 -26.00 -20.29
CA VAL B 459 27.26 -25.73 -20.70
C VAL B 459 27.22 -25.36 -22.18
N SER B 460 26.03 -25.45 -22.76
CA SER B 460 25.75 -24.84 -24.05
C SER B 460 25.67 -23.32 -23.90
N VAL B 461 26.07 -22.60 -24.96
CA VAL B 461 25.87 -21.18 -25.02
C VAL B 461 24.36 -20.82 -24.86
N GLU B 462 23.47 -21.71 -25.29
CA GLU B 462 22.04 -21.48 -25.19
C GLU B 462 21.43 -21.89 -23.86
N GLY B 463 22.20 -22.52 -22.99
CA GLY B 463 21.69 -23.12 -21.77
C GLY B 463 21.14 -24.52 -22.05
N PRO B 464 20.63 -25.18 -21.02
CA PRO B 464 20.54 -24.68 -19.64
C PRO B 464 21.88 -24.45 -18.95
N PHE B 465 21.89 -23.51 -18.04
CA PHE B 465 23.13 -23.03 -17.45
C PHE B 465 23.50 -23.69 -16.12
N LYS B 466 22.58 -24.44 -15.51
CA LYS B 466 22.76 -25.03 -14.21
C LYS B 466 22.27 -26.47 -14.25
N PRO B 467 22.86 -27.33 -13.41
CA PRO B 467 22.29 -28.68 -13.29
C PRO B 467 20.95 -28.64 -12.57
N ASP B 468 20.17 -29.70 -12.71
CA ASP B 468 18.87 -29.76 -12.06
C ASP B 468 18.93 -29.70 -10.51
N THR B 469 20.08 -30.03 -9.93
CA THR B 469 20.27 -29.95 -8.49
C THR B 469 20.47 -28.51 -7.97
N TYR B 470 20.68 -27.56 -8.87
CA TYR B 470 20.98 -26.20 -8.41
C TYR B 470 19.80 -25.54 -7.70
N ARG B 471 20.09 -24.88 -6.60
CA ARG B 471 19.02 -24.31 -5.75
C ARG B 471 18.74 -22.81 -5.94
N TYR B 472 19.62 -22.09 -6.64
CA TYR B 472 19.46 -20.66 -6.82
C TYR B 472 19.40 -19.90 -5.47
#